data_9L8T
#
_entry.id   9L8T
#
_cell.length_a   1.00
_cell.length_b   1.00
_cell.length_c   1.00
_cell.angle_alpha   90.00
_cell.angle_beta   90.00
_cell.angle_gamma   90.00
#
_symmetry.space_group_name_H-M   'P 1'
#
_entity_poly.entity_id   1
_entity_poly.type   'polypeptide(L)'
_entity_poly.pdbx_seq_one_letter_code
;MISIMDRSEIVARENPVITQRVTNLLQTNAPLLFMPIDIHEVRYGAYTLFMYGSLENGYKAEVRIENIPVFFDVQIEFND
TNQLFLKSLLTAENIVYERLETLTQRPVMGYREKEKEFAPYIRIFFKSLYERRKAITYLNNMGYNTAADDTTCYYRMVSR
ELKLPLTSWIQLQHYSYEPRGLVHRFSVTPEDLVSYQNDGPTDHSIVMAYDIETYSPVKGTVPDPNQANDVVFMICMRIF
WIHSTEPLASTCITMAPCKKSSEWTTILCSSEKNLLLSFAEQFSRWAPDICTGFNDSRYDWPFIVEKSMQHGILEEIFNK
MSLFWHQKLDTILKCYYVKEKRVKISAEKSIISSFLHTPGCLPIDVRNMCMQLYPKAEKTSLKAFLENCGLDSKVDLPYH
LMWKYYETRDSEKIADVAYYCIIDAQRCQDLLVRHNVIPDRREVGILSYTSLYDCIYYAGGHKVCNMLIAYAIHDEYGRI
ACSTIARGKREHGKYPGAFVIDPVKGLEQDKPTTGLDFASLYPSLIMAYNFSPEKFVASRDEANSLMAKGESLHYVSFHF
NNRLVEGWFVWHNNVPDKMGLYPKVLIDLLNKRTALKQELKKLGEKKECIHESHPGFKELQFRHAMVDAKQKALKIFMNT
FYGEAGNNLSPFFLLPLAGGVTSSGQYNLKLVYNFVINKGYGIKYGDTDSLYITCPDSLYTEVTDAYLNSQKTIKHYEQL
CHEKVLLSMKAMSTLCAEVNEYLRQDNGTSYLRMAYEEVLFPVCFTGKKKYYGIAHVNTPNFNTKELFIRGIDIIKQGQT
KLTKTIGTRIMEESMKLRRPEDHRPPLIEIVKTVLKDAVVNMKQWNFEDFIQTDAWRPDKDNKAVQIFMSRMHARREQLK
KHGAAASQFAEPEPGERFSYVIVEKQVQFDIQGHRTDSSRKGDKMEYVSEAKAKNLPIDILFYINNYVLGLCARFINENE
EFQPPDNVSNKDEYAQRRAKSYLQKFVQSIHPK
;
_entity_poly.pdbx_strand_id   A
#
# COMPACT_ATOMS: atom_id res chain seq x y z
N ILE A 2 41.02 1.60 -16.08
CA ILE A 2 39.78 2.36 -16.03
C ILE A 2 38.93 1.90 -14.85
N SER A 3 38.39 2.88 -14.11
CA SER A 3 37.69 2.61 -12.86
C SER A 3 36.22 2.23 -13.11
N ILE A 4 36.04 1.23 -13.97
CA ILE A 4 34.73 0.61 -14.16
C ILE A 4 34.79 -0.71 -13.38
N MET A 5 34.36 -0.65 -12.12
CA MET A 5 34.59 -1.75 -11.19
C MET A 5 33.39 -2.70 -11.20
N ASP A 6 33.68 -4.01 -11.18
CA ASP A 6 32.64 -5.02 -11.21
C ASP A 6 32.11 -5.28 -9.80
N ARG A 7 31.27 -6.32 -9.68
CA ARG A 7 30.79 -6.73 -8.36
C ARG A 7 31.93 -7.06 -7.43
N SER A 8 32.86 -7.89 -7.89
CA SER A 8 33.90 -8.41 -7.01
C SER A 8 34.72 -7.29 -6.39
N GLU A 9 35.19 -6.35 -7.22
CA GLU A 9 36.03 -5.28 -6.70
C GLU A 9 35.27 -4.37 -5.75
N ILE A 10 34.01 -4.04 -6.10
CA ILE A 10 33.24 -3.14 -5.26
C ILE A 10 32.97 -3.76 -3.90
N VAL A 11 32.54 -5.02 -3.88
CA VAL A 11 32.21 -5.65 -2.61
C VAL A 11 33.47 -5.97 -1.82
N ALA A 12 34.61 -6.15 -2.49
CA ALA A 12 35.85 -6.35 -1.76
C ALA A 12 36.33 -5.04 -1.14
N ARG A 13 36.15 -3.93 -1.85
CA ARG A 13 36.53 -2.63 -1.31
C ARG A 13 35.63 -2.23 -0.15
N GLU A 14 34.33 -2.51 -0.24
CA GLU A 14 33.42 -2.07 0.81
C GLU A 14 33.44 -3.02 2.01
N ASN A 15 33.58 -4.32 1.77
CA ASN A 15 33.52 -5.32 2.83
C ASN A 15 34.72 -6.26 2.69
N PRO A 16 35.92 -5.79 3.01
CA PRO A 16 37.11 -6.63 2.81
C PRO A 16 37.14 -7.86 3.72
N VAL A 17 36.92 -7.65 5.02
CA VAL A 17 36.96 -8.75 5.97
C VAL A 17 35.85 -9.75 5.68
N ILE A 18 34.64 -9.25 5.43
CA ILE A 18 33.53 -10.13 5.12
C ILE A 18 33.80 -10.89 3.82
N THR A 19 34.41 -10.21 2.84
CA THR A 19 34.77 -10.88 1.60
C THR A 19 35.77 -12.02 1.85
N GLN A 20 36.76 -11.76 2.70
CA GLN A 20 37.74 -12.80 3.01
C GLN A 20 37.08 -13.99 3.69
N ARG A 21 36.19 -13.72 4.65
CA ARG A 21 35.50 -14.81 5.34
C ARG A 21 34.64 -15.60 4.37
N VAL A 22 33.92 -14.91 3.48
CA VAL A 22 33.06 -15.58 2.52
C VAL A 22 33.89 -16.45 1.59
N THR A 23 35.01 -15.91 1.10
CA THR A 23 35.90 -16.71 0.27
C THR A 23 36.33 -17.97 1.01
N ASN A 24 36.87 -17.79 2.22
CA ASN A 24 37.33 -18.93 3.02
C ASN A 24 36.24 -19.98 3.16
N LEU A 25 34.98 -19.54 3.28
CA LEU A 25 33.87 -20.48 3.23
C LEU A 25 33.80 -21.17 1.87
N LEU A 26 34.02 -20.41 0.79
CA LEU A 26 33.91 -20.99 -0.55
C LEU A 26 34.93 -22.10 -0.80
N GLN A 27 36.22 -21.84 -0.58
CA GLN A 27 37.16 -22.91 -0.91
C GLN A 27 37.07 -24.07 0.08
N THR A 28 36.52 -23.85 1.27
CA THR A 28 36.30 -24.92 2.22
C THR A 28 34.96 -25.62 2.03
N ASN A 29 34.11 -25.11 1.13
CA ASN A 29 32.79 -25.66 0.84
C ASN A 29 31.90 -25.70 2.08
N ALA A 30 32.20 -24.87 3.07
CA ALA A 30 31.41 -24.81 4.29
C ALA A 30 30.07 -24.13 4.02
N PRO A 31 29.06 -24.39 4.85
CA PRO A 31 27.79 -23.69 4.69
C PRO A 31 27.97 -22.18 4.80
N LEU A 32 27.25 -21.45 3.96
CA LEU A 32 27.36 -20.00 3.89
C LEU A 32 25.98 -19.39 3.79
N LEU A 33 25.92 -18.07 3.91
CA LEU A 33 24.66 -17.34 3.92
C LEU A 33 24.39 -16.73 2.55
N PHE A 34 23.21 -17.00 2.02
CA PHE A 34 22.74 -16.46 0.76
C PHE A 34 21.26 -16.15 0.89
N MET A 35 20.77 -15.19 0.10
CA MET A 35 19.34 -15.03 0.00
C MET A 35 18.98 -14.70 -1.44
N PRO A 36 17.77 -15.02 -1.86
CA PRO A 36 17.35 -14.69 -3.23
C PRO A 36 16.74 -13.29 -3.32
N ILE A 37 16.83 -12.73 -4.52
CA ILE A 37 16.14 -11.50 -4.88
C ILE A 37 15.27 -11.70 -6.11
N ASP A 38 15.84 -12.23 -7.18
CA ASP A 38 15.13 -12.49 -8.42
C ASP A 38 14.91 -13.99 -8.57
N ILE A 39 13.70 -14.36 -8.97
CA ILE A 39 13.31 -15.76 -9.13
C ILE A 39 12.92 -15.98 -10.59
N HIS A 40 13.52 -16.99 -11.21
CA HIS A 40 13.18 -17.35 -12.58
C HIS A 40 13.04 -18.86 -12.67
N GLU A 41 12.03 -19.31 -13.40
CA GLU A 41 11.72 -20.73 -13.52
C GLU A 41 11.84 -21.16 -14.98
N VAL A 42 12.27 -22.40 -15.18
CA VAL A 42 12.31 -23.01 -16.50
C VAL A 42 11.00 -23.74 -16.72
N ARG A 43 10.10 -23.14 -17.49
CA ARG A 43 8.76 -23.69 -17.66
C ARG A 43 8.71 -24.84 -18.66
N TYR A 44 9.82 -25.16 -19.33
CA TYR A 44 9.86 -26.26 -20.27
C TYR A 44 11.02 -27.18 -19.92
N GLY A 45 10.85 -28.46 -20.23
CA GLY A 45 11.87 -29.42 -19.87
C GLY A 45 11.91 -29.63 -18.37
N ALA A 46 13.01 -30.23 -17.90
CA ALA A 46 13.16 -30.49 -16.48
C ALA A 46 13.07 -29.19 -15.69
N TYR A 47 12.15 -29.15 -14.73
CA TYR A 47 11.90 -27.92 -13.99
C TYR A 47 13.12 -27.58 -13.14
N THR A 48 13.53 -26.32 -13.20
CA THR A 48 14.66 -25.83 -12.43
C THR A 48 14.34 -24.43 -11.94
N LEU A 49 14.55 -24.19 -10.65
CA LEU A 49 14.25 -22.91 -10.04
C LEU A 49 15.56 -22.16 -9.84
N PHE A 50 15.62 -20.94 -10.36
CA PHE A 50 16.81 -20.11 -10.31
C PHE A 50 16.58 -18.98 -9.33
N MET A 51 17.42 -18.88 -8.32
CA MET A 51 17.41 -17.75 -7.39
C MET A 51 18.66 -16.92 -7.62
N TYR A 52 18.46 -15.65 -7.96
CA TYR A 52 19.55 -14.71 -8.14
C TYR A 52 19.58 -13.77 -6.94
N GLY A 53 20.69 -13.76 -6.23
CA GLY A 53 20.80 -12.94 -5.05
C GLY A 53 22.24 -12.65 -4.72
N SER A 54 22.45 -12.08 -3.54
CA SER A 54 23.77 -11.66 -3.10
C SER A 54 24.21 -12.49 -1.90
N LEU A 55 25.47 -12.91 -1.90
CA LEU A 55 26.05 -13.53 -0.73
C LEU A 55 26.17 -12.49 0.39
N GLU A 56 26.49 -12.97 1.59
CA GLU A 56 26.52 -12.09 2.74
C GLU A 56 27.59 -11.00 2.60
N ASN A 57 28.63 -11.25 1.79
CA ASN A 57 29.61 -10.20 1.55
C ASN A 57 29.20 -9.25 0.43
N GLY A 58 28.44 -9.73 -0.54
CA GLY A 58 28.00 -8.92 -1.66
C GLY A 58 28.24 -9.52 -3.03
N TYR A 59 28.84 -10.71 -3.14
CA TYR A 59 28.98 -11.36 -4.44
C TYR A 59 27.62 -11.59 -5.07
N LYS A 60 27.54 -11.37 -6.38
CA LYS A 60 26.36 -11.78 -7.13
C LYS A 60 26.32 -13.30 -7.18
N ALA A 61 25.20 -13.89 -6.80
CA ALA A 61 25.10 -15.33 -6.70
C ALA A 61 23.84 -15.82 -7.41
N GLU A 62 24.00 -16.88 -8.20
CA GLU A 62 22.88 -17.57 -8.83
C GLU A 62 22.80 -18.96 -8.21
N VAL A 63 21.73 -19.21 -7.46
CA VAL A 63 21.52 -20.51 -6.82
C VAL A 63 20.50 -21.26 -7.64
N ARG A 64 20.89 -22.42 -8.15
CA ARG A 64 20.09 -23.22 -9.06
C ARG A 64 19.71 -24.52 -8.36
N ILE A 65 18.43 -24.67 -8.04
CA ILE A 65 17.93 -25.85 -7.35
C ILE A 65 17.43 -26.86 -8.37
N GLU A 66 17.90 -28.10 -8.26
CA GLU A 66 17.43 -29.18 -9.10
C GLU A 66 16.76 -30.23 -8.22
N ASN A 67 16.17 -31.23 -8.89
CA ASN A 67 15.48 -32.34 -8.24
C ASN A 67 14.29 -31.88 -7.40
N ILE A 68 13.72 -30.73 -7.71
CA ILE A 68 12.50 -30.30 -7.01
C ILE A 68 11.34 -31.17 -7.46
N PRO A 69 10.59 -31.78 -6.55
CA PRO A 69 9.43 -32.57 -6.96
C PRO A 69 8.36 -31.68 -7.57
N VAL A 70 7.82 -32.10 -8.71
CA VAL A 70 6.75 -31.40 -9.40
C VAL A 70 5.52 -32.28 -9.34
N PHE A 71 4.48 -31.81 -8.66
CA PHE A 71 3.35 -32.67 -8.33
C PHE A 71 2.12 -31.82 -8.04
N PHE A 72 0.97 -32.48 -8.06
CA PHE A 72 -0.27 -31.91 -7.55
C PHE A 72 -1.17 -33.06 -7.13
N ASP A 73 -2.17 -32.73 -6.30
CA ASP A 73 -3.00 -33.74 -5.67
C ASP A 73 -4.44 -33.62 -6.12
N VAL A 74 -5.14 -34.76 -6.15
CA VAL A 74 -6.53 -34.84 -6.56
C VAL A 74 -7.27 -35.78 -5.60
N GLN A 75 -8.49 -35.41 -5.24
CA GLN A 75 -9.28 -36.20 -4.30
C GLN A 75 -9.86 -37.43 -4.97
N ILE A 76 -9.12 -38.54 -4.91
CA ILE A 76 -9.51 -39.82 -5.51
C ILE A 76 -9.13 -40.93 -4.56
N GLU A 77 -9.98 -41.97 -4.50
CA GLU A 77 -9.69 -43.14 -3.70
C GLU A 77 -8.41 -43.82 -4.15
N PHE A 78 -7.86 -44.67 -3.27
CA PHE A 78 -6.54 -45.25 -3.45
C PHE A 78 -6.55 -46.55 -4.23
N ASN A 79 -7.71 -47.03 -4.69
CA ASN A 79 -7.77 -48.33 -5.34
C ASN A 79 -6.99 -48.30 -6.66
N ASP A 80 -6.30 -49.41 -6.94
CA ASP A 80 -5.43 -49.48 -8.10
C ASP A 80 -6.20 -49.36 -9.40
N THR A 81 -7.45 -49.82 -9.44
CA THR A 81 -8.26 -49.67 -10.64
C THR A 81 -8.48 -48.21 -10.98
N ASN A 82 -8.79 -47.39 -9.98
CA ASN A 82 -8.99 -45.97 -10.22
C ASN A 82 -7.68 -45.29 -10.56
N GLN A 83 -6.57 -45.74 -9.99
CA GLN A 83 -5.26 -45.21 -10.36
C GLN A 83 -4.95 -45.49 -11.82
N LEU A 84 -5.22 -46.73 -12.27
CA LEU A 84 -5.01 -47.07 -13.66
C LEU A 84 -5.94 -46.27 -14.57
N PHE A 85 -7.18 -46.06 -14.15
CA PHE A 85 -8.09 -45.22 -14.92
C PHE A 85 -7.56 -43.80 -15.04
N LEU A 86 -7.05 -43.25 -13.93
CA LEU A 86 -6.51 -41.89 -13.94
C LEU A 86 -5.33 -41.79 -14.89
N LYS A 87 -4.42 -42.77 -14.83
CA LYS A 87 -3.31 -42.80 -15.78
C LYS A 87 -3.82 -42.92 -17.21
N SER A 88 -4.90 -43.67 -17.41
CA SER A 88 -5.45 -43.85 -18.74
C SER A 88 -5.94 -42.53 -19.33
N LEU A 89 -6.78 -41.80 -18.58
CA LEU A 89 -7.26 -40.56 -19.18
C LEU A 89 -6.23 -39.44 -19.06
N LEU A 90 -5.13 -39.65 -18.32
CA LEU A 90 -4.01 -38.73 -18.40
C LEU A 90 -3.22 -38.93 -19.68
N THR A 91 -3.04 -40.19 -20.08
CA THR A 91 -2.32 -40.51 -21.31
C THR A 91 -3.19 -40.45 -22.55
N ALA A 92 -4.51 -40.27 -22.39
CA ALA A 92 -5.38 -40.12 -23.55
C ALA A 92 -4.99 -38.91 -24.38
N GLU A 93 -4.68 -37.80 -23.71
CA GLU A 93 -4.12 -36.61 -24.35
C GLU A 93 -2.59 -36.61 -24.32
N ASN A 94 -1.99 -37.79 -24.24
CA ASN A 94 -0.53 -38.00 -24.28
C ASN A 94 0.22 -37.09 -23.30
N ILE A 95 -0.39 -36.74 -22.17
CA ILE A 95 0.32 -36.00 -21.14
C ILE A 95 1.18 -36.97 -20.33
N VAL A 96 2.47 -36.68 -20.25
CA VAL A 96 3.43 -37.57 -19.62
C VAL A 96 3.52 -37.23 -18.13
N TYR A 97 3.67 -38.26 -17.31
CA TYR A 97 3.85 -38.12 -15.88
C TYR A 97 5.10 -38.88 -15.45
N GLU A 98 5.44 -38.80 -14.17
CA GLU A 98 6.62 -39.44 -13.63
C GLU A 98 6.29 -40.67 -12.79
N ARG A 99 5.46 -40.50 -11.76
CA ARG A 99 5.12 -41.60 -10.86
C ARG A 99 3.85 -41.21 -10.11
N LEU A 100 3.36 -42.15 -9.31
CA LEU A 100 2.12 -41.98 -8.55
C LEU A 100 2.39 -42.22 -7.08
N GLU A 101 1.80 -41.39 -6.23
CA GLU A 101 1.96 -41.52 -4.79
C GLU A 101 0.59 -41.46 -4.11
N THR A 102 0.49 -42.14 -2.98
CA THR A 102 -0.73 -42.19 -2.18
C THR A 102 -0.47 -41.57 -0.82
N LEU A 103 -1.34 -40.63 -0.42
CA LEU A 103 -1.24 -40.03 0.90
C LEU A 103 -2.62 -39.53 1.30
N THR A 104 -2.90 -39.61 2.60
CA THR A 104 -4.17 -39.19 3.15
C THR A 104 -4.06 -37.75 3.64
N GLN A 105 -5.01 -36.92 3.24
CA GLN A 105 -5.05 -35.52 3.65
C GLN A 105 -6.45 -35.17 4.10
N ARG A 106 -6.57 -33.97 4.68
CA ARG A 106 -7.84 -33.47 5.16
C ARG A 106 -8.38 -32.44 4.18
N PRO A 107 -9.53 -32.67 3.56
CA PRO A 107 -10.11 -31.65 2.66
C PRO A 107 -10.40 -30.36 3.41
N VAL A 108 -10.19 -29.24 2.73
CA VAL A 108 -10.38 -27.94 3.36
C VAL A 108 -11.83 -27.46 3.31
N MET A 109 -12.66 -28.05 2.44
CA MET A 109 -14.05 -27.63 2.30
C MET A 109 -14.97 -28.65 2.95
N GLY A 110 -15.87 -28.17 3.79
CA GLY A 110 -16.85 -29.02 4.42
C GLY A 110 -16.37 -29.65 5.71
N TYR A 111 -17.24 -29.70 6.72
CA TYR A 111 -16.88 -30.32 7.98
C TYR A 111 -16.90 -31.84 7.87
N ARG A 112 -15.99 -32.48 8.59
CA ARG A 112 -15.90 -33.93 8.64
C ARG A 112 -15.67 -34.38 10.08
N GLU A 113 -16.19 -35.56 10.40
CA GLU A 113 -15.99 -36.13 11.72
C GLU A 113 -14.56 -36.67 11.84
N LYS A 114 -14.17 -36.95 13.08
CA LYS A 114 -12.77 -37.33 13.35
C LYS A 114 -12.39 -38.62 12.64
N GLU A 115 -13.27 -39.62 12.68
CA GLU A 115 -12.95 -40.89 12.03
C GLU A 115 -12.97 -40.78 10.51
N LYS A 116 -13.66 -39.79 9.96
CA LYS A 116 -13.63 -39.51 8.52
C LYS A 116 -12.88 -38.22 8.22
N GLU A 117 -12.00 -37.80 9.11
CA GLU A 117 -11.32 -36.51 8.97
C GLU A 117 -10.40 -36.50 7.76
N PHE A 118 -9.69 -37.61 7.53
CA PHE A 118 -8.75 -37.70 6.42
C PHE A 118 -9.44 -38.25 5.17
N ALA A 119 -8.92 -37.87 4.01
CA ALA A 119 -9.44 -38.33 2.73
C ALA A 119 -8.30 -38.74 1.83
N PRO A 120 -8.52 -39.72 0.95
CA PRO A 120 -7.46 -40.17 0.04
C PRO A 120 -7.10 -39.11 -0.98
N TYR A 121 -5.83 -39.11 -1.38
CA TYR A 121 -5.34 -38.22 -2.43
C TYR A 121 -4.25 -38.94 -3.20
N ILE A 122 -4.51 -39.17 -4.48
CA ILE A 122 -3.49 -39.64 -5.41
C ILE A 122 -2.62 -38.45 -5.79
N ARG A 123 -1.31 -38.67 -5.84
CA ARG A 123 -0.35 -37.63 -6.20
C ARG A 123 0.30 -38.01 -7.53
N ILE A 124 0.33 -37.06 -8.46
CA ILE A 124 0.88 -37.28 -9.79
C ILE A 124 2.12 -36.41 -9.93
N PHE A 125 3.23 -37.01 -10.34
CA PHE A 125 4.50 -36.31 -10.47
C PHE A 125 4.79 -35.99 -11.93
N PHE A 126 5.57 -34.93 -12.14
CA PHE A 126 5.88 -34.46 -13.48
C PHE A 126 7.34 -34.01 -13.56
N LYS A 127 7.82 -33.94 -14.80
CA LYS A 127 9.16 -33.42 -15.07
C LYS A 127 9.15 -31.94 -15.40
N SER A 128 8.08 -31.44 -15.99
CA SER A 128 8.02 -30.07 -16.47
C SER A 128 6.78 -29.37 -15.92
N LEU A 129 6.89 -28.05 -15.75
CA LEU A 129 5.74 -27.26 -15.36
C LEU A 129 4.67 -27.27 -16.45
N TYR A 130 5.08 -27.36 -17.71
CA TYR A 130 4.13 -27.36 -18.81
C TYR A 130 3.22 -28.57 -18.75
N GLU A 131 3.81 -29.76 -18.56
CA GLU A 131 3.00 -30.97 -18.46
C GLU A 131 2.08 -30.92 -17.26
N ARG A 132 2.58 -30.44 -16.12
CA ARG A 132 1.75 -30.37 -14.91
C ARG A 132 0.57 -29.42 -15.12
N ARG A 133 0.82 -28.26 -15.74
CA ARG A 133 -0.26 -27.32 -15.98
C ARG A 133 -1.29 -27.91 -16.94
N LYS A 134 -0.83 -28.57 -18.00
CA LYS A 134 -1.76 -29.19 -18.93
C LYS A 134 -2.62 -30.23 -18.24
N ALA A 135 -2.00 -31.07 -17.41
CA ALA A 135 -2.75 -32.10 -16.69
C ALA A 135 -3.74 -31.48 -15.72
N ILE A 136 -3.34 -30.43 -15.02
CA ILE A 136 -4.25 -29.76 -14.09
C ILE A 136 -5.46 -29.21 -14.84
N THR A 137 -5.22 -28.55 -15.96
CA THR A 137 -6.31 -28.00 -16.74
C THR A 137 -7.24 -29.11 -17.24
N TYR A 138 -6.66 -30.21 -17.73
CA TYR A 138 -7.49 -31.31 -18.21
C TYR A 138 -8.34 -31.91 -17.09
N LEU A 139 -7.74 -32.12 -15.92
CA LEU A 139 -8.47 -32.71 -14.81
C LEU A 139 -9.59 -31.78 -14.34
N ASN A 140 -9.33 -30.47 -14.29
CA ASN A 140 -10.38 -29.54 -13.91
C ASN A 140 -11.48 -29.47 -14.97
N ASN A 141 -11.13 -29.67 -16.24
CA ASN A 141 -12.15 -29.80 -17.26
C ASN A 141 -13.03 -31.01 -17.00
N MET A 142 -12.43 -32.12 -16.58
CA MET A 142 -13.21 -33.31 -16.27
C MET A 142 -13.96 -33.19 -14.95
N GLY A 143 -13.62 -32.20 -14.12
CA GLY A 143 -14.35 -31.95 -12.90
C GLY A 143 -13.77 -32.59 -11.66
N TYR A 144 -12.56 -33.12 -11.72
CA TYR A 144 -11.94 -33.73 -10.55
C TYR A 144 -11.59 -32.67 -9.51
N ASN A 145 -11.83 -32.99 -8.25
CA ASN A 145 -11.47 -32.10 -7.15
C ASN A 145 -9.98 -32.25 -6.90
N THR A 146 -9.21 -31.22 -7.27
CA THR A 146 -7.77 -31.25 -7.16
C THR A 146 -7.29 -30.23 -6.14
N ALA A 147 -6.12 -30.50 -5.56
CA ALA A 147 -5.54 -29.67 -4.53
C ALA A 147 -4.05 -29.53 -4.77
N ALA A 148 -3.47 -28.46 -4.20
CA ALA A 148 -2.07 -28.12 -4.40
C ALA A 148 -1.75 -27.99 -5.88
N ASP A 149 -2.47 -27.08 -6.54
CA ASP A 149 -2.51 -26.98 -8.00
C ASP A 149 -2.16 -25.58 -8.44
N ASP A 150 -1.08 -25.02 -7.89
CA ASP A 150 -0.61 -23.72 -8.36
C ASP A 150 -0.17 -23.82 -9.80
N THR A 151 -0.90 -23.15 -10.69
CA THR A 151 -0.67 -23.25 -12.12
C THR A 151 0.26 -22.18 -12.66
N THR A 152 0.11 -20.93 -12.21
CA THR A 152 0.90 -19.85 -12.79
C THR A 152 2.31 -19.81 -12.20
N CYS A 153 2.42 -19.58 -10.89
CA CYS A 153 3.70 -19.43 -10.23
C CYS A 153 3.92 -20.65 -9.34
N TYR A 154 4.67 -21.63 -9.84
CA TYR A 154 4.94 -22.83 -9.07
C TYR A 154 6.00 -22.60 -7.99
N TYR A 155 6.80 -21.53 -8.09
CA TYR A 155 7.82 -21.30 -7.08
C TYR A 155 7.20 -20.97 -5.73
N ARG A 156 5.98 -20.42 -5.72
CA ARG A 156 5.30 -20.20 -4.45
C ARG A 156 5.05 -21.52 -3.72
N MET A 157 4.64 -22.55 -4.46
CA MET A 157 4.49 -23.86 -3.86
C MET A 157 5.85 -24.39 -3.38
N VAL A 158 6.87 -24.26 -4.23
CA VAL A 158 8.20 -24.70 -3.83
C VAL A 158 8.63 -23.99 -2.55
N SER A 159 8.33 -22.70 -2.45
CA SER A 159 8.53 -21.99 -1.19
C SER A 159 7.55 -22.44 -0.12
N ARG A 160 6.52 -23.21 -0.48
CA ARG A 160 5.45 -23.49 0.47
C ARG A 160 5.67 -24.80 1.22
N GLU A 161 5.74 -25.94 0.52
CA GLU A 161 5.94 -27.17 1.28
C GLU A 161 7.38 -27.33 1.75
N LEU A 162 8.32 -26.58 1.18
CA LEU A 162 9.70 -26.68 1.63
C LEU A 162 10.01 -25.76 2.80
N LYS A 163 9.02 -24.98 3.27
CA LYS A 163 9.22 -24.06 4.39
C LYS A 163 10.38 -23.11 4.11
N LEU A 164 10.52 -22.71 2.86
CA LEU A 164 11.66 -21.91 2.41
C LEU A 164 11.18 -20.57 1.89
N PRO A 165 11.27 -19.51 2.69
CA PRO A 165 10.94 -18.18 2.16
C PRO A 165 11.88 -17.80 1.04
N LEU A 166 11.34 -17.14 0.03
CA LEU A 166 12.12 -16.66 -1.11
C LEU A 166 12.59 -15.23 -0.92
N THR A 167 12.37 -14.65 0.25
CA THR A 167 12.80 -13.28 0.53
C THR A 167 13.54 -13.19 1.86
N SER A 168 14.19 -14.27 2.30
CA SER A 168 14.92 -14.29 3.55
C SER A 168 16.25 -15.00 3.36
N TRP A 169 17.12 -14.83 4.35
CA TRP A 169 18.44 -15.47 4.29
C TRP A 169 18.29 -16.98 4.22
N ILE A 170 19.16 -17.61 3.44
CA ILE A 170 19.13 -19.05 3.23
C ILE A 170 20.53 -19.59 3.46
N GLN A 171 20.64 -20.69 4.18
CA GLN A 171 21.92 -21.34 4.45
C GLN A 171 22.07 -22.53 3.52
N LEU A 172 23.16 -22.54 2.75
CA LEU A 172 23.42 -23.60 1.78
C LEU A 172 24.40 -24.59 2.42
N GLN A 173 23.87 -25.70 2.91
CA GLN A 173 24.71 -26.69 3.59
C GLN A 173 25.67 -27.35 2.61
N HIS A 174 25.16 -27.83 1.48
CA HIS A 174 25.97 -28.49 0.47
C HIS A 174 25.61 -27.94 -0.90
N TYR A 175 26.62 -27.79 -1.75
CA TYR A 175 26.41 -27.20 -3.07
C TYR A 175 27.54 -27.60 -3.99
N SER A 176 27.26 -27.53 -5.28
CA SER A 176 28.26 -27.76 -6.32
C SER A 176 28.69 -26.39 -6.84
N TYR A 177 29.70 -25.81 -6.18
CA TYR A 177 30.14 -24.46 -6.48
C TYR A 177 30.86 -24.44 -7.83
N GLU A 178 30.50 -23.46 -8.67
CA GLU A 178 31.12 -23.30 -9.98
C GLU A 178 31.25 -21.80 -10.26
N PRO A 179 32.39 -21.21 -9.93
CA PRO A 179 32.58 -19.79 -10.21
C PRO A 179 32.61 -19.52 -11.71
N ARG A 180 31.97 -18.43 -12.12
CA ARG A 180 31.89 -18.03 -13.52
C ARG A 180 31.82 -16.50 -13.57
N GLY A 181 32.98 -15.87 -13.71
CA GLY A 181 33.02 -14.41 -13.77
C GLY A 181 32.46 -13.80 -12.49
N LEU A 182 31.48 -12.91 -12.66
CA LEU A 182 30.83 -12.26 -11.53
C LEU A 182 29.71 -13.10 -10.94
N VAL A 183 29.37 -14.22 -11.56
CA VAL A 183 28.25 -15.06 -11.11
C VAL A 183 28.82 -16.28 -10.44
N HIS A 184 28.56 -16.43 -9.15
CA HIS A 184 28.94 -17.60 -8.39
C HIS A 184 27.79 -18.59 -8.46
N ARG A 185 27.89 -19.56 -9.36
CA ARG A 185 26.82 -20.51 -9.58
C ARG A 185 26.87 -21.63 -8.55
N PHE A 186 25.71 -21.95 -7.98
CA PHE A 186 25.58 -23.05 -7.04
C PHE A 186 24.50 -24.01 -7.54
N SER A 187 24.85 -25.28 -7.64
CA SER A 187 23.87 -26.33 -7.95
C SER A 187 23.53 -27.04 -6.64
N VAL A 188 22.25 -26.98 -6.27
CA VAL A 188 21.81 -27.47 -4.96
C VAL A 188 20.56 -28.32 -5.14
N THR A 189 20.26 -29.10 -4.11
CA THR A 189 19.09 -29.94 -4.01
C THR A 189 18.25 -29.49 -2.82
N PRO A 190 16.92 -29.65 -2.88
CA PRO A 190 16.08 -29.08 -1.83
C PRO A 190 16.38 -29.63 -0.44
N GLU A 191 17.05 -30.77 -0.34
CA GLU A 191 17.33 -31.36 0.96
C GLU A 191 18.25 -30.48 1.80
N ASP A 192 19.27 -29.89 1.19
CA ASP A 192 20.27 -29.13 1.92
C ASP A 192 19.97 -27.63 1.94
N LEU A 193 18.84 -27.21 1.42
CA LEU A 193 18.39 -25.82 1.54
C LEU A 193 17.70 -25.64 2.89
N VAL A 194 18.29 -24.80 3.74
CA VAL A 194 17.74 -24.51 5.06
C VAL A 194 17.58 -23.00 5.17
N SER A 195 16.35 -22.56 5.43
CA SER A 195 16.11 -21.13 5.64
C SER A 195 16.77 -20.70 6.94
N TYR A 196 17.41 -19.53 6.91
CA TYR A 196 18.06 -19.00 8.10
C TYR A 196 16.99 -18.43 9.03
N GLN A 197 16.64 -19.20 10.07
CA GLN A 197 15.58 -18.78 10.97
C GLN A 197 16.02 -17.64 11.88
N ASN A 198 17.33 -17.44 12.04
CA ASN A 198 17.82 -16.38 12.91
C ASN A 198 17.61 -15.02 12.26
N ASP A 199 18.05 -13.98 12.97
CA ASP A 199 17.92 -12.62 12.45
C ASP A 199 18.71 -12.44 11.16
N GLY A 200 19.92 -12.99 11.11
CA GLY A 200 20.76 -12.88 9.93
C GLY A 200 21.59 -11.62 9.95
N PRO A 201 22.69 -11.62 9.22
CA PRO A 201 23.59 -10.47 9.19
C PRO A 201 23.02 -9.36 8.32
N THR A 202 23.76 -8.25 8.27
CA THR A 202 23.36 -7.11 7.46
C THR A 202 23.40 -7.49 5.99
N ASP A 203 22.40 -7.05 5.23
CA ASP A 203 22.34 -7.38 3.82
C ASP A 203 23.42 -6.65 3.04
N HIS A 204 23.85 -7.25 1.93
CA HIS A 204 24.75 -6.62 0.98
C HIS A 204 24.28 -6.88 -0.44
N SER A 205 22.99 -6.71 -0.69
CA SER A 205 22.45 -6.76 -2.04
C SER A 205 22.51 -5.38 -2.67
N ILE A 206 22.68 -5.35 -3.99
CA ILE A 206 22.95 -4.11 -4.72
C ILE A 206 21.73 -3.75 -5.55
N VAL A 207 21.24 -2.52 -5.35
CA VAL A 207 20.15 -1.95 -6.13
C VAL A 207 20.72 -0.83 -6.98
N MET A 208 20.33 -0.80 -8.25
CA MET A 208 20.81 0.21 -9.18
C MET A 208 19.63 1.09 -9.57
N ALA A 209 19.77 2.39 -9.33
CA ALA A 209 18.76 3.37 -9.70
C ALA A 209 19.24 4.18 -10.90
N TYR A 210 18.40 4.28 -11.92
CA TYR A 210 18.78 4.93 -13.16
C TYR A 210 17.66 5.83 -13.65
N ASP A 211 18.03 6.86 -14.40
CA ASP A 211 17.08 7.73 -15.07
C ASP A 211 17.63 8.11 -16.43
N ILE A 212 16.73 8.39 -17.37
CA ILE A 212 17.12 8.70 -18.73
C ILE A 212 16.60 10.09 -19.09
N GLU A 213 17.26 10.71 -20.05
CA GLU A 213 16.82 11.98 -20.63
C GLU A 213 16.76 11.81 -22.13
N THR A 214 15.62 12.12 -22.72
CA THR A 214 15.37 11.87 -24.12
C THR A 214 15.45 13.17 -24.93
N TYR A 215 15.69 13.01 -26.22
CA TYR A 215 15.78 14.11 -27.16
C TYR A 215 14.76 13.95 -28.28
N SER A 216 14.25 15.09 -28.77
CA SER A 216 13.20 15.19 -29.76
C SER A 216 13.21 16.54 -30.48
N PRO A 217 13.64 16.60 -31.75
CA PRO A 217 13.87 17.91 -32.36
C PRO A 217 12.66 18.85 -32.36
N VAL A 218 11.44 18.33 -32.26
CA VAL A 218 10.26 19.19 -32.10
C VAL A 218 10.21 19.70 -30.67
N LYS A 219 10.08 21.01 -30.51
CA LYS A 219 10.03 21.63 -29.20
C LYS A 219 8.65 21.49 -28.57
N GLY A 220 8.64 21.37 -27.25
CA GLY A 220 7.39 21.40 -26.50
C GLY A 220 6.58 20.12 -26.51
N THR A 221 7.13 19.01 -26.97
CA THR A 221 6.41 17.75 -27.03
C THR A 221 7.21 16.67 -26.31
N VAL A 222 6.48 15.73 -25.72
CA VAL A 222 7.13 14.58 -25.09
C VAL A 222 7.73 13.70 -26.17
N PRO A 223 9.03 13.35 -26.09
CA PRO A 223 9.64 12.55 -27.15
C PRO A 223 8.97 11.20 -27.30
N ASP A 224 8.84 10.77 -28.56
CA ASP A 224 8.16 9.53 -28.92
C ASP A 224 9.19 8.46 -29.26
N PRO A 225 9.19 7.32 -28.57
CA PRO A 225 10.13 6.26 -28.95
C PRO A 225 9.97 5.78 -30.38
N ASN A 226 8.77 5.89 -30.93
CA ASN A 226 8.54 5.44 -32.31
C ASN A 226 9.22 6.35 -33.32
N GLN A 227 9.30 7.65 -33.04
CA GLN A 227 9.87 8.59 -34.00
C GLN A 227 11.37 8.40 -34.08
N ALA A 228 11.89 8.32 -35.30
CA ALA A 228 13.33 8.12 -35.49
C ALA A 228 14.14 9.30 -34.98
N ASN A 229 13.70 10.52 -35.30
CA ASN A 229 14.42 11.70 -34.84
C ASN A 229 14.39 11.80 -33.32
N ASP A 230 13.35 11.30 -32.68
CA ASP A 230 13.26 11.37 -31.24
C ASP A 230 14.16 10.29 -30.65
N VAL A 231 15.13 10.68 -29.81
CA VAL A 231 16.14 9.74 -29.33
C VAL A 231 16.43 9.98 -27.86
N VAL A 232 17.19 9.06 -27.28
CA VAL A 232 17.82 9.25 -25.98
C VAL A 232 19.17 9.91 -26.21
N PHE A 233 19.37 11.07 -25.60
CA PHE A 233 20.67 11.72 -25.66
C PHE A 233 21.45 11.55 -24.37
N MET A 234 20.88 10.89 -23.36
CA MET A 234 21.45 10.99 -22.02
C MET A 234 20.89 9.90 -21.14
N ILE A 235 21.74 9.33 -20.27
CA ILE A 235 21.33 8.34 -19.28
C ILE A 235 22.32 8.37 -18.12
N CYS A 236 21.80 8.16 -16.91
CA CYS A 236 22.62 8.12 -15.71
C CYS A 236 22.18 6.95 -14.83
N MET A 237 23.06 6.55 -13.92
CA MET A 237 22.82 5.38 -13.11
C MET A 237 23.72 5.39 -11.88
N ARG A 238 23.18 4.90 -10.77
CA ARG A 238 23.91 4.76 -9.51
C ARG A 238 23.63 3.39 -8.92
N ILE A 239 24.54 2.92 -8.08
CA ILE A 239 24.35 1.66 -7.35
C ILE A 239 24.49 1.93 -5.86
N PHE A 240 23.63 1.30 -5.08
CA PHE A 240 23.63 1.43 -3.63
C PHE A 240 23.42 0.06 -3.00
N TRP A 241 23.76 -0.04 -1.73
CA TRP A 241 23.27 -1.16 -0.94
C TRP A 241 21.76 -1.03 -0.79
N ILE A 242 21.10 -2.16 -0.52
CA ILE A 242 19.65 -2.16 -0.46
C ILE A 242 19.15 -1.26 0.66
N HIS A 243 19.99 -0.99 1.67
CA HIS A 243 19.61 -0.20 2.83
C HIS A 243 20.32 1.13 2.92
N SER A 244 21.47 1.29 2.27
CA SER A 244 22.26 2.50 2.34
C SER A 244 21.97 3.38 1.13
N THR A 245 21.94 4.69 1.36
CA THR A 245 21.76 5.66 0.29
C THR A 245 23.08 6.16 -0.27
N GLU A 246 24.20 5.69 0.26
CA GLU A 246 25.51 6.10 -0.25
C GLU A 246 25.81 5.37 -1.55
N PRO A 247 26.12 6.07 -2.63
CA PRO A 247 26.38 5.39 -3.91
C PRO A 247 27.72 4.69 -3.89
N LEU A 248 27.71 3.40 -4.22
CA LEU A 248 28.96 2.66 -4.34
C LEU A 248 29.75 3.12 -5.55
N ALA A 249 29.08 3.28 -6.69
CA ALA A 249 29.71 3.77 -7.91
C ALA A 249 28.66 4.44 -8.77
N SER A 250 29.11 5.32 -9.65
CA SER A 250 28.21 6.08 -10.50
C SER A 250 28.76 6.14 -11.91
N THR A 251 27.88 6.01 -12.89
CA THR A 251 28.26 6.02 -14.29
C THR A 251 27.30 6.89 -15.07
N CYS A 252 27.84 7.72 -15.96
CA CYS A 252 27.06 8.58 -16.83
C CYS A 252 27.42 8.29 -18.29
N ILE A 253 26.41 8.08 -19.11
CA ILE A 253 26.58 7.82 -20.54
C ILE A 253 25.75 8.85 -21.30
N THR A 254 26.38 9.55 -22.24
CA THR A 254 25.74 10.69 -22.88
C THR A 254 26.15 10.76 -24.35
N MET A 255 25.63 11.78 -25.03
CA MET A 255 25.93 12.04 -26.43
C MET A 255 26.96 13.15 -26.58
N ALA A 256 26.63 14.36 -26.13
CA ALA A 256 27.53 15.49 -26.28
C ALA A 256 28.70 15.36 -25.32
N PRO A 257 29.85 15.96 -25.64
CA PRO A 257 30.99 15.94 -24.71
C PRO A 257 30.61 16.50 -23.35
N CYS A 258 30.64 15.64 -22.35
CA CYS A 258 30.29 16.01 -20.98
C CYS A 258 31.55 16.29 -20.18
N LYS A 259 31.49 17.34 -19.36
CA LYS A 259 32.62 17.67 -18.50
C LYS A 259 32.89 16.54 -17.52
N LYS A 260 34.16 16.18 -17.36
CA LYS A 260 34.53 15.12 -16.43
C LYS A 260 34.20 15.53 -15.00
N SER A 261 33.66 14.59 -14.24
CA SER A 261 33.32 14.80 -12.85
C SER A 261 33.85 13.66 -11.99
N SER A 262 34.24 13.99 -10.76
CA SER A 262 34.71 12.98 -9.84
C SER A 262 33.59 12.18 -9.21
N GLU A 263 32.36 12.71 -9.23
CA GLU A 263 31.24 12.03 -8.58
C GLU A 263 30.65 10.92 -9.43
N TRP A 264 31.03 10.81 -10.69
CA TRP A 264 30.51 9.75 -11.55
C TRP A 264 31.47 9.52 -12.71
N THR A 265 31.33 8.36 -13.33
CA THR A 265 32.14 7.99 -14.49
C THR A 265 31.40 8.41 -15.74
N THR A 266 32.03 9.29 -16.53
CA THR A 266 31.42 9.80 -17.75
C THR A 266 31.83 8.91 -18.92
N ILE A 267 30.83 8.32 -19.58
CA ILE A 267 31.06 7.50 -20.75
C ILE A 267 30.50 8.24 -21.96
N LEU A 268 31.38 8.52 -22.92
CA LEU A 268 31.00 9.29 -24.11
C LEU A 268 30.69 8.32 -25.25
N CYS A 269 29.50 8.47 -25.83
CA CYS A 269 29.06 7.63 -26.93
C CYS A 269 28.64 8.50 -28.11
N SER A 270 28.85 7.98 -29.31
CA SER A 270 28.58 8.72 -30.53
C SER A 270 27.17 8.47 -31.06
N SER A 271 26.68 7.24 -31.00
CA SER A 271 25.38 6.89 -31.56
C SER A 271 24.50 6.30 -30.48
N GLU A 272 23.19 6.32 -30.73
CA GLU A 272 22.25 5.75 -29.77
C GLU A 272 22.48 4.26 -29.60
N LYS A 273 22.90 3.59 -30.68
CA LYS A 273 23.34 2.21 -30.54
C LYS A 273 24.52 2.11 -29.59
N ASN A 274 25.50 3.03 -29.73
CA ASN A 274 26.65 3.02 -28.84
C ASN A 274 26.23 3.30 -27.41
N LEU A 275 25.33 4.24 -27.19
CA LEU A 275 24.88 4.55 -25.83
C LEU A 275 24.16 3.37 -25.21
N LEU A 276 23.31 2.69 -25.98
CA LEU A 276 22.59 1.54 -25.46
C LEU A 276 23.54 0.39 -25.14
N LEU A 277 24.53 0.16 -26.01
CA LEU A 277 25.52 -0.88 -25.73
C LEU A 277 26.35 -0.54 -24.50
N SER A 278 26.71 0.74 -24.33
CA SER A 278 27.46 1.14 -23.14
C SER A 278 26.63 0.93 -21.88
N PHE A 279 25.35 1.27 -21.94
CA PHE A 279 24.46 1.03 -20.80
C PHE A 279 24.38 -0.45 -20.49
N ALA A 280 24.28 -1.28 -21.53
CA ALA A 280 24.22 -2.72 -21.31
C ALA A 280 25.50 -3.23 -20.68
N GLU A 281 26.65 -2.76 -21.16
CA GLU A 281 27.92 -3.20 -20.59
C GLU A 281 28.04 -2.79 -19.14
N GLN A 282 27.68 -1.55 -18.82
CA GLN A 282 27.77 -1.09 -17.45
C GLN A 282 26.83 -1.85 -16.54
N PHE A 283 25.60 -2.10 -17.00
CA PHE A 283 24.66 -2.89 -16.22
C PHE A 283 25.18 -4.30 -16.00
N SER A 284 25.70 -4.93 -17.05
CA SER A 284 26.19 -6.30 -16.94
C SER A 284 27.35 -6.39 -15.97
N ARG A 285 28.30 -5.46 -16.05
CA ARG A 285 29.46 -5.53 -15.17
C ARG A 285 29.10 -5.13 -13.75
N TRP A 286 28.10 -4.27 -13.58
CA TRP A 286 27.59 -4.02 -12.24
C TRP A 286 26.70 -5.15 -11.75
N ALA A 287 25.89 -5.71 -12.64
CA ALA A 287 25.01 -6.84 -12.32
C ALA A 287 24.21 -6.61 -11.04
N PRO A 288 23.41 -5.55 -10.97
CA PRO A 288 22.68 -5.26 -9.75
C PRO A 288 21.55 -6.27 -9.53
N ASP A 289 21.08 -6.32 -8.28
CA ASP A 289 19.98 -7.21 -7.95
C ASP A 289 18.63 -6.58 -8.24
N ILE A 290 18.56 -5.24 -8.24
CA ILE A 290 17.32 -4.52 -8.48
C ILE A 290 17.63 -3.30 -9.33
N CYS A 291 17.02 -3.23 -10.52
CA CYS A 291 17.10 -2.05 -11.37
C CYS A 291 15.81 -1.26 -11.18
N THR A 292 15.94 -0.02 -10.72
CA THR A 292 14.77 0.76 -10.33
C THR A 292 14.84 2.16 -10.94
N GLY A 293 13.67 2.77 -11.04
CA GLY A 293 13.56 4.14 -11.52
C GLY A 293 12.13 4.61 -11.31
N PHE A 294 11.96 5.92 -11.39
CA PHE A 294 10.65 6.53 -11.20
C PHE A 294 9.92 6.58 -12.54
N ASN A 295 8.74 5.97 -12.58
CA ASN A 295 7.92 5.87 -13.78
C ASN A 295 8.67 5.21 -14.94
N ASP A 296 9.66 4.38 -14.62
CA ASP A 296 10.42 3.73 -15.67
C ASP A 296 9.58 2.70 -16.42
N SER A 297 8.65 2.05 -15.72
CA SER A 297 7.79 1.06 -16.35
C SER A 297 6.78 1.69 -17.30
N ARG A 298 6.64 3.01 -17.31
CA ARG A 298 5.72 3.69 -18.21
C ARG A 298 6.41 4.57 -19.24
N TYR A 299 7.59 5.10 -18.93
CA TYR A 299 8.30 5.99 -19.85
C TYR A 299 9.69 5.48 -20.22
N ASP A 300 10.50 5.09 -19.24
CA ASP A 300 11.90 4.80 -19.51
C ASP A 300 12.08 3.46 -20.22
N TRP A 301 11.59 2.39 -19.61
CA TRP A 301 11.76 1.06 -20.21
C TRP A 301 11.10 0.93 -21.57
N PRO A 302 9.86 1.39 -21.79
CA PRO A 302 9.32 1.31 -23.16
C PRO A 302 10.16 2.07 -24.17
N PHE A 303 10.67 3.24 -23.77
CA PHE A 303 11.48 4.04 -24.68
C PHE A 303 12.76 3.29 -25.04
N ILE A 304 13.41 2.71 -24.03
CA ILE A 304 14.66 1.97 -24.26
C ILE A 304 14.42 0.76 -25.14
N VAL A 305 13.35 0.02 -24.87
CA VAL A 305 13.08 -1.18 -25.65
C VAL A 305 12.76 -0.83 -27.09
N GLU A 306 11.95 0.22 -27.30
CA GLU A 306 11.64 0.64 -28.66
C GLU A 306 12.89 1.11 -29.39
N LYS A 307 13.77 1.82 -28.69
CA LYS A 307 15.03 2.25 -29.31
C LYS A 307 15.87 1.04 -29.71
N SER A 308 15.94 0.04 -28.84
CA SER A 308 16.70 -1.16 -29.16
C SER A 308 16.11 -1.88 -30.36
N MET A 309 14.78 -1.95 -30.44
CA MET A 309 14.14 -2.56 -31.60
C MET A 309 14.44 -1.79 -32.87
N GLN A 310 14.41 -0.46 -32.80
CA GLN A 310 14.71 0.35 -33.98
C GLN A 310 16.14 0.12 -34.44
N HIS A 311 17.08 0.01 -33.49
CA HIS A 311 18.45 -0.32 -33.84
C HIS A 311 18.68 -1.82 -34.02
N GLY A 312 17.67 -2.64 -33.73
CA GLY A 312 17.82 -4.07 -33.87
C GLY A 312 18.88 -4.67 -32.96
N ILE A 313 18.96 -4.17 -31.73
CA ILE A 313 19.99 -4.59 -30.78
C ILE A 313 19.39 -5.14 -29.50
N LEU A 314 18.08 -5.33 -29.44
CA LEU A 314 17.44 -5.72 -28.18
C LEU A 314 17.92 -7.07 -27.70
N GLU A 315 18.14 -8.01 -28.62
CA GLU A 315 18.61 -9.33 -28.22
C GLU A 315 19.97 -9.25 -27.53
N GLU A 316 20.89 -8.48 -28.12
CA GLU A 316 22.21 -8.32 -27.51
C GLU A 316 22.12 -7.60 -26.17
N ILE A 317 21.28 -6.57 -26.09
CA ILE A 317 21.10 -5.83 -24.84
C ILE A 317 20.62 -6.76 -23.75
N PHE A 318 19.60 -7.57 -24.06
CA PHE A 318 19.05 -8.50 -23.06
C PHE A 318 20.06 -9.56 -22.68
N ASN A 319 20.80 -10.09 -23.67
CA ASN A 319 21.80 -11.10 -23.35
C ASN A 319 22.87 -10.54 -22.43
N LYS A 320 23.25 -9.28 -22.62
CA LYS A 320 24.17 -8.65 -21.68
C LYS A 320 23.52 -8.41 -20.33
N MET A 321 22.22 -8.09 -20.31
CA MET A 321 21.50 -7.96 -19.04
C MET A 321 21.59 -9.24 -18.22
N SER A 322 21.27 -10.38 -18.84
CA SER A 322 21.18 -11.62 -18.09
C SER A 322 22.51 -12.36 -18.07
N LEU A 323 23.01 -12.74 -19.24
CA LEU A 323 24.18 -13.61 -19.38
C LEU A 323 24.02 -14.92 -18.62
N PHE A 324 22.80 -15.25 -18.19
CA PHE A 324 22.52 -16.50 -17.50
C PHE A 324 21.92 -17.56 -18.40
N TRP A 325 21.18 -17.14 -19.43
CA TRP A 325 20.73 -18.04 -20.48
C TRP A 325 20.53 -17.23 -21.76
N HIS A 326 21.06 -17.72 -22.86
CA HIS A 326 20.91 -17.03 -24.14
C HIS A 326 19.49 -17.25 -24.66
N GLN A 327 18.81 -16.17 -24.99
CA GLN A 327 17.42 -16.22 -25.43
C GLN A 327 17.27 -15.50 -26.76
N LYS A 328 16.40 -16.04 -27.61
CA LYS A 328 16.12 -15.42 -28.89
C LYS A 328 15.27 -14.17 -28.69
N LEU A 329 15.27 -13.31 -29.72
CA LEU A 329 14.57 -12.03 -29.62
C LEU A 329 13.07 -12.22 -29.40
N ASP A 330 12.47 -13.15 -30.15
CA ASP A 330 11.04 -13.41 -29.98
C ASP A 330 10.72 -13.91 -28.58
N THR A 331 11.58 -14.77 -28.04
CA THR A 331 11.39 -15.21 -26.66
C THR A 331 11.46 -14.04 -25.70
N ILE A 332 12.41 -13.13 -25.91
CA ILE A 332 12.53 -11.96 -25.06
C ILE A 332 11.24 -11.16 -25.10
N LEU A 333 10.74 -10.87 -26.30
CA LEU A 333 9.52 -10.08 -26.44
C LEU A 333 8.33 -10.77 -25.79
N LYS A 334 8.23 -12.09 -25.98
CA LYS A 334 7.06 -12.82 -25.50
C LYS A 334 7.05 -12.92 -23.98
N CYS A 335 8.21 -13.18 -23.36
CA CYS A 335 8.26 -13.51 -21.95
C CYS A 335 8.88 -12.42 -21.11
N TYR A 336 10.09 -11.97 -21.43
CA TYR A 336 10.83 -11.14 -20.50
C TYR A 336 10.49 -9.66 -20.63
N TYR A 337 9.88 -9.25 -21.74
CA TYR A 337 9.47 -7.85 -21.90
C TYR A 337 8.00 -7.76 -21.53
N VAL A 338 7.72 -7.48 -20.26
CA VAL A 338 6.35 -7.35 -19.80
C VAL A 338 5.78 -6.03 -20.31
N LYS A 339 4.59 -6.10 -20.89
CA LYS A 339 3.93 -4.94 -21.49
C LYS A 339 2.55 -4.73 -20.88
N GLU A 340 2.25 -3.49 -20.53
CA GLU A 340 0.99 -3.11 -19.88
C GLU A 340 0.65 -4.06 -18.74
N LYS A 341 1.59 -4.23 -17.82
CA LYS A 341 1.34 -5.04 -16.64
C LYS A 341 0.30 -4.36 -15.77
N ARG A 342 -0.73 -5.12 -15.39
CA ARG A 342 -1.84 -4.56 -14.62
C ARG A 342 -1.42 -4.51 -13.15
N VAL A 343 -0.94 -3.35 -12.72
CA VAL A 343 -0.49 -3.16 -11.34
C VAL A 343 -1.66 -2.64 -10.52
N LYS A 344 -2.00 -3.34 -9.45
CA LYS A 344 -3.13 -2.98 -8.60
C LYS A 344 -2.66 -2.00 -7.54
N ILE A 345 -3.21 -0.78 -7.58
CA ILE A 345 -2.83 0.28 -6.65
C ILE A 345 -3.80 0.34 -5.48
N SER A 346 -5.08 0.56 -5.77
CA SER A 346 -6.10 0.60 -4.73
C SER A 346 -7.20 -0.41 -5.05
N ALA A 347 -8.30 -0.35 -4.30
CA ALA A 347 -9.42 -1.25 -4.58
C ALA A 347 -10.00 -0.97 -5.96
N GLU A 348 -10.04 0.30 -6.37
CA GLU A 348 -10.62 0.69 -7.65
C GLU A 348 -9.62 1.27 -8.63
N LYS A 349 -8.46 1.73 -8.17
CA LYS A 349 -7.48 2.37 -9.03
C LYS A 349 -6.33 1.43 -9.33
N SER A 350 -5.97 1.33 -10.61
CA SER A 350 -4.85 0.51 -11.02
C SER A 350 -4.12 1.23 -12.16
N ILE A 351 -2.83 0.94 -12.29
CA ILE A 351 -2.00 1.57 -13.30
C ILE A 351 -1.28 0.49 -14.11
N ILE A 352 -0.84 0.87 -15.29
CA ILE A 352 -0.16 -0.05 -16.20
C ILE A 352 1.34 0.09 -16.03
N SER A 353 2.05 -0.99 -16.29
CA SER A 353 3.51 -1.01 -16.23
C SER A 353 4.04 -1.81 -17.41
N SER A 354 5.21 -1.40 -17.90
CA SER A 354 5.84 -2.09 -19.02
C SER A 354 7.34 -2.00 -18.82
N PHE A 355 7.97 -3.15 -18.53
CA PHE A 355 9.40 -3.20 -18.26
C PHE A 355 9.99 -4.43 -18.92
N LEU A 356 11.30 -4.43 -19.06
CA LEU A 356 12.05 -5.57 -19.59
C LEU A 356 12.64 -6.31 -18.39
N HIS A 357 11.99 -7.42 -18.02
CA HIS A 357 12.38 -8.18 -16.83
C HIS A 357 13.61 -9.01 -17.16
N THR A 358 14.77 -8.43 -16.90
CA THR A 358 16.02 -9.18 -17.07
C THR A 358 16.16 -10.18 -15.94
N PRO A 359 16.49 -11.44 -16.23
CA PRO A 359 16.80 -12.37 -15.14
C PRO A 359 17.98 -11.87 -14.34
N GLY A 360 17.95 -12.12 -13.03
CA GLY A 360 19.01 -11.70 -12.16
C GLY A 360 18.89 -10.28 -11.64
N CYS A 361 17.89 -9.53 -12.06
CA CYS A 361 17.70 -8.17 -11.58
C CYS A 361 16.20 -7.87 -11.57
N LEU A 362 15.61 -7.89 -10.39
CA LEU A 362 14.19 -7.64 -10.27
C LEU A 362 13.91 -6.15 -10.46
N PRO A 363 13.13 -5.76 -11.47
CA PRO A 363 12.88 -4.34 -11.70
C PRO A 363 11.84 -3.79 -10.74
N ILE A 364 12.03 -2.52 -10.37
CA ILE A 364 11.15 -1.81 -9.45
C ILE A 364 10.77 -0.48 -10.08
N ASP A 365 9.49 -0.15 -10.03
CA ASP A 365 9.01 1.18 -10.40
C ASP A 365 8.67 1.89 -9.09
N VAL A 366 9.56 2.80 -8.68
CA VAL A 366 9.37 3.49 -7.41
C VAL A 366 8.09 4.31 -7.41
N ARG A 367 7.66 4.77 -8.59
CA ARG A 367 6.37 5.43 -8.66
C ARG A 367 5.24 4.48 -8.26
N ASN A 368 5.32 3.23 -8.70
CA ASN A 368 4.31 2.26 -8.30
C ASN A 368 4.37 2.01 -6.79
N MET A 369 5.57 1.99 -6.21
CA MET A 369 5.69 1.81 -4.77
C MET A 369 5.05 2.98 -4.03
N CYS A 370 5.26 4.20 -4.52
CA CYS A 370 4.63 5.36 -3.91
C CYS A 370 3.11 5.31 -4.06
N MET A 371 2.63 4.86 -5.23
CA MET A 371 1.20 4.66 -5.42
C MET A 371 0.65 3.70 -4.37
N GLN A 372 1.31 2.56 -4.20
CA GLN A 372 0.82 1.55 -3.27
C GLN A 372 0.85 2.07 -1.84
N LEU A 373 1.92 2.76 -1.46
CA LEU A 373 2.03 3.22 -0.08
C LEU A 373 1.17 4.45 0.17
N TYR A 374 0.85 5.21 -0.88
CA TYR A 374 -0.06 6.36 -0.79
C TYR A 374 -1.16 6.16 -1.83
N PRO A 375 -2.12 5.28 -1.55
CA PRO A 375 -3.16 4.99 -2.55
C PRO A 375 -4.02 6.18 -2.92
N LYS A 376 -4.24 7.11 -2.00
CA LYS A 376 -5.16 8.22 -2.21
C LYS A 376 -4.44 9.52 -2.53
N ALA A 377 -3.15 9.46 -2.86
CA ALA A 377 -2.41 10.66 -3.20
C ALA A 377 -2.78 11.11 -4.61
N GLU A 378 -3.44 12.26 -4.71
CA GLU A 378 -3.84 12.77 -6.02
C GLU A 378 -2.69 13.41 -6.78
N LYS A 379 -1.62 13.76 -6.09
CA LYS A 379 -0.40 14.25 -6.72
C LYS A 379 0.58 13.09 -6.88
N THR A 380 1.00 12.85 -8.13
CA THR A 380 1.70 11.63 -8.48
C THR A 380 3.09 11.86 -9.05
N SER A 381 3.55 13.11 -9.15
CA SER A 381 4.88 13.37 -9.66
C SER A 381 5.93 13.01 -8.63
N LEU A 382 7.17 12.85 -9.10
CA LEU A 382 8.28 12.55 -8.19
C LEU A 382 8.49 13.70 -7.22
N LYS A 383 8.39 14.94 -7.70
CA LYS A 383 8.47 16.08 -6.81
C LYS A 383 7.33 16.06 -5.79
N ALA A 384 6.14 15.66 -6.22
CA ALA A 384 5.00 15.57 -5.30
C ALA A 384 5.27 14.57 -4.20
N PHE A 385 5.74 13.37 -4.56
CA PHE A 385 6.01 12.36 -3.55
C PHE A 385 7.17 12.75 -2.66
N LEU A 386 8.17 13.46 -3.20
CA LEU A 386 9.39 13.72 -2.44
C LEU A 386 9.11 14.58 -1.21
N GLU A 387 8.44 15.72 -1.38
CA GLU A 387 8.09 16.55 -0.24
C GLU A 387 6.91 16.00 0.53
N ASN A 388 6.11 15.12 -0.08
CA ASN A 388 5.11 14.39 0.70
C ASN A 388 5.79 13.50 1.73
N CYS A 389 6.92 12.91 1.36
CA CYS A 389 7.72 12.09 2.26
C CYS A 389 8.78 12.88 3.01
N GLY A 390 8.86 14.19 2.79
CA GLY A 390 9.80 15.01 3.52
C GLY A 390 11.19 15.11 2.95
N LEU A 391 11.36 14.81 1.66
CA LEU A 391 12.66 14.94 1.01
C LEU A 391 12.62 16.10 0.02
N ASP A 392 13.75 16.79 -0.11
CA ASP A 392 13.85 17.95 -0.99
C ASP A 392 14.57 17.58 -2.29
N SER A 393 14.18 18.25 -3.37
CA SER A 393 14.80 18.07 -4.67
C SER A 393 15.56 19.32 -5.07
N LYS A 394 16.53 19.14 -5.96
CA LYS A 394 17.26 20.27 -6.52
C LYS A 394 16.34 21.06 -7.45
N VAL A 395 16.90 22.12 -8.03
CA VAL A 395 16.14 22.91 -9.00
C VAL A 395 16.02 22.08 -10.28
N ASP A 396 14.87 21.43 -10.47
CA ASP A 396 14.62 20.65 -11.67
C ASP A 396 14.61 21.60 -12.86
N LEU A 397 15.61 21.47 -13.73
CA LEU A 397 15.68 22.32 -14.89
C LEU A 397 14.47 22.06 -15.78
N PRO A 398 13.70 23.08 -16.13
CA PRO A 398 12.56 22.86 -17.02
C PRO A 398 13.03 22.39 -18.37
N TYR A 399 12.13 21.73 -19.09
CA TYR A 399 12.52 21.01 -20.30
C TYR A 399 13.20 21.94 -21.31
N HIS A 400 12.63 23.14 -21.52
CA HIS A 400 13.05 23.97 -22.64
C HIS A 400 14.53 24.34 -22.57
N LEU A 401 15.01 24.68 -21.37
CA LEU A 401 16.42 25.05 -21.28
C LEU A 401 17.33 23.84 -21.39
N MET A 402 16.90 22.69 -20.89
CA MET A 402 17.58 21.44 -21.23
C MET A 402 17.65 21.28 -22.75
N TRP A 403 16.59 21.71 -23.44
CA TRP A 403 16.48 21.47 -24.86
C TRP A 403 17.52 22.31 -25.59
N LYS A 404 17.57 23.60 -25.24
CA LYS A 404 18.55 24.51 -25.85
C LYS A 404 19.96 24.15 -25.43
N TYR A 405 20.13 23.59 -24.23
CA TYR A 405 21.44 23.13 -23.79
C TYR A 405 21.94 21.97 -24.64
N TYR A 406 21.08 20.98 -24.88
CA TYR A 406 21.53 19.86 -25.70
C TYR A 406 21.74 20.30 -27.15
N GLU A 407 20.86 21.18 -27.66
CA GLU A 407 21.00 21.64 -29.02
C GLU A 407 22.29 22.43 -29.22
N THR A 408 22.64 23.28 -28.25
CA THR A 408 23.89 24.03 -28.34
C THR A 408 25.12 23.19 -28.00
N ARG A 409 24.92 21.96 -27.49
CA ARG A 409 26.02 21.04 -27.18
C ARG A 409 26.99 21.66 -26.18
N ASP A 410 26.45 22.38 -25.21
CA ASP A 410 27.28 23.00 -24.17
C ASP A 410 27.77 21.93 -23.21
N SER A 411 29.10 21.77 -23.12
CA SER A 411 29.67 20.75 -22.25
C SER A 411 29.30 21.02 -20.79
N GLU A 412 29.40 22.27 -20.35
CA GLU A 412 29.03 22.60 -18.97
C GLU A 412 27.55 22.34 -18.72
N LYS A 413 26.69 22.70 -19.68
CA LYS A 413 25.27 22.45 -19.51
C LYS A 413 24.96 20.96 -19.57
N ILE A 414 25.71 20.22 -20.37
CA ILE A 414 25.55 18.76 -20.40
C ILE A 414 25.92 18.18 -19.05
N ALA A 415 27.01 18.69 -18.44
CA ALA A 415 27.37 18.25 -17.09
C ALA A 415 26.30 18.62 -16.08
N ASP A 416 25.67 19.79 -16.26
CA ASP A 416 24.56 20.16 -15.38
C ASP A 416 23.39 19.20 -15.53
N VAL A 417 23.09 18.79 -16.76
CA VAL A 417 22.04 17.79 -16.99
C VAL A 417 22.42 16.48 -16.31
N ALA A 418 23.71 16.11 -16.38
CA ALA A 418 24.17 14.91 -15.69
C ALA A 418 23.96 15.02 -14.20
N TYR A 419 24.29 16.18 -13.63
CA TYR A 419 24.08 16.39 -12.20
C TYR A 419 22.60 16.25 -11.85
N TYR A 420 21.72 16.83 -12.67
CA TYR A 420 20.29 16.72 -12.39
C TYR A 420 19.82 15.28 -12.46
N CYS A 421 20.22 14.55 -13.50
CA CYS A 421 19.75 13.18 -13.67
C CYS A 421 20.26 12.29 -12.55
N ILE A 422 21.51 12.47 -12.14
CA ILE A 422 22.05 11.68 -11.05
C ILE A 422 21.37 12.04 -9.73
N ILE A 423 21.05 13.32 -9.54
CA ILE A 423 20.27 13.72 -8.37
C ILE A 423 18.89 13.06 -8.41
N ASP A 424 18.32 12.93 -9.61
CA ASP A 424 17.04 12.26 -9.76
C ASP A 424 17.13 10.80 -9.33
N ALA A 425 18.18 10.11 -9.76
CA ALA A 425 18.38 8.72 -9.36
C ALA A 425 18.59 8.62 -7.85
N GLN A 426 19.34 9.56 -7.27
CA GLN A 426 19.56 9.56 -5.82
C GLN A 426 18.25 9.76 -5.08
N ARG A 427 17.40 10.66 -5.56
CA ARG A 427 16.09 10.87 -4.94
C ARG A 427 15.23 9.62 -5.06
N CYS A 428 15.30 8.95 -6.21
CA CYS A 428 14.56 7.70 -6.37
C CYS A 428 15.01 6.67 -5.33
N GLN A 429 16.32 6.53 -5.16
CA GLN A 429 16.83 5.60 -4.15
C GLN A 429 16.43 6.03 -2.74
N ASP A 430 16.44 7.32 -2.47
CA ASP A 430 16.06 7.81 -1.15
C ASP A 430 14.62 7.49 -0.84
N LEU A 431 13.73 7.69 -1.82
CA LEU A 431 12.33 7.31 -1.62
C LEU A 431 12.19 5.81 -1.42
N LEU A 432 12.94 5.02 -2.18
CA LEU A 432 12.85 3.57 -2.03
C LEU A 432 13.36 3.13 -0.66
N VAL A 433 14.32 3.85 -0.09
CA VAL A 433 14.97 3.43 1.14
C VAL A 433 14.19 3.88 2.36
N ARG A 434 13.92 5.18 2.47
CA ARG A 434 13.32 5.70 3.70
C ARG A 434 11.93 5.12 3.91
N HIS A 435 11.22 4.80 2.83
CA HIS A 435 9.94 4.13 2.92
C HIS A 435 10.08 2.67 3.28
N ASN A 436 11.31 2.15 3.34
CA ASN A 436 11.58 0.80 3.83
C ASN A 436 10.89 -0.24 2.97
N VAL A 437 10.82 0.02 1.65
CA VAL A 437 9.99 -0.79 0.77
C VAL A 437 10.54 -2.20 0.63
N ILE A 438 11.84 -2.32 0.37
CA ILE A 438 12.41 -3.65 0.17
C ILE A 438 12.32 -4.52 1.42
N PRO A 439 12.69 -4.04 2.62
CA PRO A 439 12.61 -4.94 3.79
C PRO A 439 11.19 -5.34 4.17
N ASP A 440 10.21 -4.44 4.13
CA ASP A 440 8.87 -4.89 4.51
C ASP A 440 8.21 -5.71 3.41
N ARG A 441 8.55 -5.47 2.14
CA ARG A 441 8.14 -6.40 1.10
C ARG A 441 8.76 -7.78 1.33
N ARG A 442 10.01 -7.80 1.79
CA ARG A 442 10.66 -9.06 2.14
C ARG A 442 9.91 -9.76 3.26
N GLU A 443 9.49 -8.99 4.27
CA GLU A 443 8.73 -9.57 5.38
C GLU A 443 7.41 -10.15 4.90
N VAL A 444 6.72 -9.42 4.00
CA VAL A 444 5.48 -9.93 3.44
C VAL A 444 5.73 -11.24 2.70
N GLY A 445 6.81 -11.30 1.94
CA GLY A 445 7.15 -12.54 1.25
C GLY A 445 7.44 -13.66 2.21
N ILE A 446 8.12 -13.36 3.32
CA ILE A 446 8.42 -14.38 4.32
C ILE A 446 7.14 -14.94 4.90
N LEU A 447 6.21 -14.05 5.26
CA LEU A 447 4.94 -14.52 5.82
C LEU A 447 4.13 -15.31 4.80
N SER A 448 4.11 -14.87 3.54
CA SER A 448 3.30 -15.50 2.52
C SER A 448 4.05 -16.56 1.73
N TYR A 449 5.32 -16.78 2.01
CA TYR A 449 6.14 -17.74 1.27
C TYR A 449 6.11 -17.45 -0.22
N THR A 450 6.22 -16.18 -0.57
CA THR A 450 6.18 -15.73 -1.96
C THR A 450 7.42 -14.92 -2.28
N SER A 451 7.74 -14.85 -3.57
CA SER A 451 8.92 -14.14 -4.02
C SER A 451 8.71 -12.63 -3.92
N LEU A 452 9.82 -11.90 -4.03
CA LEU A 452 9.75 -10.44 -4.01
C LEU A 452 8.99 -9.90 -5.21
N TYR A 453 9.10 -10.59 -6.36
CA TYR A 453 8.36 -10.16 -7.54
C TYR A 453 6.86 -10.16 -7.27
N ASP A 454 6.36 -11.19 -6.59
CA ASP A 454 4.96 -11.20 -6.19
C ASP A 454 4.67 -10.09 -5.20
N CYS A 455 5.61 -9.81 -4.29
CA CYS A 455 5.40 -8.76 -3.32
C CYS A 455 5.36 -7.38 -3.96
N ILE A 456 5.89 -7.24 -5.17
CA ILE A 456 5.91 -5.96 -5.85
C ILE A 456 4.76 -5.81 -6.83
N TYR A 457 4.62 -6.75 -7.78
CA TYR A 457 3.71 -6.60 -8.89
C TYR A 457 2.42 -7.40 -8.71
N TYR A 458 1.96 -7.59 -7.48
CA TYR A 458 0.74 -8.32 -7.24
C TYR A 458 0.06 -7.82 -5.98
N ALA A 459 -1.23 -8.15 -5.86
CA ALA A 459 -2.02 -7.73 -4.71
C ALA A 459 -1.74 -8.66 -3.53
N GLY A 460 -2.53 -8.55 -2.48
CA GLY A 460 -2.32 -9.34 -1.28
C GLY A 460 -3.23 -10.55 -1.17
N GLY A 461 -4.20 -10.68 -2.09
CA GLY A 461 -5.12 -11.80 -2.00
C GLY A 461 -4.43 -13.13 -2.20
N HIS A 462 -3.59 -13.23 -3.23
CA HIS A 462 -2.87 -14.47 -3.45
C HIS A 462 -1.85 -14.72 -2.35
N LYS A 463 -1.32 -13.65 -1.74
CA LYS A 463 -0.42 -13.83 -0.62
C LYS A 463 -1.14 -14.43 0.58
N VAL A 464 -2.35 -13.95 0.87
CA VAL A 464 -3.14 -14.53 1.95
C VAL A 464 -3.47 -15.98 1.62
N CYS A 465 -3.81 -16.27 0.37
CA CYS A 465 -4.04 -17.65 -0.03
C CYS A 465 -2.81 -18.51 0.25
N ASN A 466 -1.65 -18.06 -0.21
CA ASN A 466 -0.43 -18.84 -0.05
C ASN A 466 -0.11 -19.08 1.42
N MET A 467 -0.27 -18.05 2.25
CA MET A 467 -0.07 -18.23 3.68
C MET A 467 -1.04 -19.26 4.23
N LEU A 468 -2.29 -19.24 3.76
CA LEU A 468 -3.28 -20.18 4.26
C LEU A 468 -2.90 -21.62 3.92
N ILE A 469 -2.50 -21.87 2.67
CA ILE A 469 -2.08 -23.23 2.34
C ILE A 469 -0.81 -23.60 3.11
N ALA A 470 0.12 -22.66 3.23
CA ALA A 470 1.37 -22.96 3.93
C ALA A 470 1.11 -23.39 5.36
N TYR A 471 0.21 -22.70 6.05
CA TYR A 471 -0.19 -23.14 7.37
C TYR A 471 -0.91 -24.47 7.31
N ALA A 472 -1.77 -24.67 6.31
CA ALA A 472 -2.68 -25.82 6.31
C ALA A 472 -1.94 -27.13 6.11
N ILE A 473 -0.82 -27.12 5.40
CA ILE A 473 -0.20 -28.35 4.92
C ILE A 473 0.72 -28.98 5.97
N HIS A 474 0.65 -28.49 7.21
CA HIS A 474 1.56 -28.95 8.24
C HIS A 474 0.95 -30.06 9.08
N ASP A 475 1.84 -30.83 9.72
CA ASP A 475 1.48 -32.16 10.22
C ASP A 475 0.48 -32.09 11.36
N GLU A 476 0.75 -31.26 12.38
CA GLU A 476 -0.12 -31.24 13.55
C GLU A 476 -1.54 -30.87 13.15
N TYR A 477 -1.69 -30.04 12.12
CA TYR A 477 -3.00 -29.69 11.64
C TYR A 477 -3.66 -30.84 10.89
N GLY A 478 -2.89 -31.87 10.54
CA GLY A 478 -3.41 -33.01 9.82
C GLY A 478 -3.20 -32.99 8.33
N ARG A 479 -2.31 -32.16 7.81
CA ARG A 479 -2.01 -32.08 6.38
C ARG A 479 -3.27 -31.75 5.58
N ILE A 480 -3.75 -30.52 5.81
CA ILE A 480 -4.94 -30.04 5.13
C ILE A 480 -4.64 -29.95 3.63
N ALA A 481 -5.50 -30.55 2.82
CA ALA A 481 -5.38 -30.45 1.37
C ALA A 481 -6.16 -29.22 0.90
N CYS A 482 -5.50 -28.35 0.16
CA CYS A 482 -6.09 -27.09 -0.26
C CYS A 482 -5.90 -26.88 -1.75
N SER A 483 -6.87 -26.23 -2.38
CA SER A 483 -6.83 -25.91 -3.79
C SER A 483 -6.70 -24.40 -3.98
N THR A 484 -5.93 -24.00 -4.99
CA THR A 484 -5.69 -22.59 -5.26
C THR A 484 -6.35 -22.12 -6.56
N ILE A 485 -7.40 -22.80 -7.00
CA ILE A 485 -8.14 -22.41 -8.20
C ILE A 485 -9.59 -22.13 -7.82
N ALA A 486 -10.16 -21.10 -8.42
CA ALA A 486 -11.56 -20.79 -8.18
C ALA A 486 -12.44 -21.93 -8.66
N ARG A 487 -13.39 -22.33 -7.83
CA ARG A 487 -14.25 -23.47 -8.13
C ARG A 487 -15.72 -23.08 -7.92
N GLY A 488 -16.59 -23.84 -8.57
CA GLY A 488 -18.02 -23.60 -8.46
C GLY A 488 -18.49 -22.52 -9.40
N LYS A 489 -19.81 -22.38 -9.46
CA LYS A 489 -20.42 -21.36 -10.31
C LYS A 489 -20.09 -19.98 -9.76
N ARG A 490 -19.82 -19.04 -10.67
CA ARG A 490 -19.49 -17.68 -10.26
C ARG A 490 -20.75 -16.93 -9.84
N GLU A 491 -20.92 -16.75 -8.53
CA GLU A 491 -22.07 -16.03 -8.00
C GLU A 491 -21.68 -14.59 -7.71
N HIS A 492 -22.50 -13.65 -8.18
CA HIS A 492 -22.27 -12.23 -7.97
C HIS A 492 -23.50 -11.63 -7.31
N GLY A 493 -23.28 -10.75 -6.33
CA GLY A 493 -24.38 -10.14 -5.62
C GLY A 493 -23.87 -9.24 -4.52
N LYS A 494 -24.81 -8.79 -3.69
CA LYS A 494 -24.51 -7.91 -2.58
C LYS A 494 -25.00 -8.52 -1.28
N TYR A 495 -24.19 -8.42 -0.23
CA TYR A 495 -24.56 -8.90 1.08
C TYR A 495 -25.62 -8.00 1.69
N PRO A 496 -26.37 -8.50 2.69
CA PRO A 496 -27.35 -7.65 3.37
C PRO A 496 -26.68 -6.42 3.98
N GLY A 497 -27.40 -5.31 3.95
CA GLY A 497 -26.85 -4.06 4.48
C GLY A 497 -26.49 -4.20 5.95
N ALA A 498 -25.32 -3.67 6.31
CA ALA A 498 -24.86 -3.73 7.68
C ALA A 498 -25.76 -2.86 8.57
N PHE A 499 -25.74 -3.17 9.87
CA PHE A 499 -26.56 -2.43 10.82
C PHE A 499 -25.99 -1.03 10.98
N VAL A 500 -26.61 -0.05 10.32
CA VAL A 500 -26.16 1.33 10.34
C VAL A 500 -27.01 2.10 11.32
N ILE A 501 -26.37 2.70 12.31
CA ILE A 501 -27.05 3.58 13.25
C ILE A 501 -26.99 4.99 12.72
N ASP A 502 -28.13 5.66 12.70
CA ASP A 502 -28.17 7.03 12.20
C ASP A 502 -27.35 7.92 13.12
N PRO A 503 -26.30 8.57 12.63
CA PRO A 503 -25.47 9.40 13.50
C PRO A 503 -26.28 10.57 14.05
N VAL A 504 -26.01 10.91 15.30
CA VAL A 504 -26.66 12.06 15.91
C VAL A 504 -25.94 13.31 15.43
N LYS A 505 -26.41 13.87 14.32
CA LYS A 505 -25.74 15.01 13.70
C LYS A 505 -25.77 16.21 14.64
N GLY A 506 -24.65 16.91 14.72
CA GLY A 506 -24.57 18.08 15.56
C GLY A 506 -23.27 18.18 16.33
N LEU A 507 -23.19 19.18 17.20
CA LEU A 507 -21.99 19.44 17.99
C LEU A 507 -22.32 19.22 19.46
N GLU A 508 -21.50 18.41 20.14
CA GLU A 508 -21.75 18.02 21.51
C GLU A 508 -20.86 18.80 22.46
N GLN A 509 -21.46 19.36 23.51
CA GLN A 509 -20.74 20.15 24.50
C GLN A 509 -20.94 19.67 25.92
N ASP A 510 -21.78 18.67 26.15
CA ASP A 510 -22.14 18.27 27.50
C ASP A 510 -21.77 16.83 27.83
N LYS A 511 -21.99 15.90 26.90
CA LYS A 511 -21.71 14.50 27.16
C LYS A 511 -20.40 14.11 26.51
N PRO A 512 -19.37 13.74 27.27
CA PRO A 512 -18.16 13.17 26.66
C PRO A 512 -18.50 11.91 25.87
N THR A 513 -17.85 11.76 24.72
CA THR A 513 -18.20 10.70 23.79
C THR A 513 -16.93 10.05 23.26
N THR A 514 -16.93 8.73 23.20
CA THR A 514 -15.84 8.01 22.55
C THR A 514 -16.37 6.71 21.97
N GLY A 515 -15.62 6.17 21.02
CA GLY A 515 -16.04 4.98 20.32
C GLY A 515 -15.49 3.70 20.91
N LEU A 516 -16.38 2.85 21.40
CA LEU A 516 -15.99 1.49 21.80
C LEU A 516 -15.74 0.70 20.52
N ASP A 517 -14.48 0.59 20.13
CA ASP A 517 -14.13 -0.03 18.87
C ASP A 517 -13.75 -1.48 19.08
N PHE A 518 -14.29 -2.36 18.25
CA PHE A 518 -13.90 -3.76 18.28
C PHE A 518 -12.43 -3.89 17.87
N ALA A 519 -11.70 -4.72 18.61
CA ALA A 519 -10.30 -4.98 18.29
C ALA A 519 -10.24 -6.04 17.21
N SER A 520 -10.01 -5.61 15.96
CA SER A 520 -9.95 -6.50 14.81
C SER A 520 -11.26 -7.30 14.68
N LEU A 521 -12.32 -6.56 14.40
CA LEU A 521 -13.68 -7.12 14.37
C LEU A 521 -13.76 -8.42 13.59
N TYR A 522 -13.43 -8.37 12.30
CA TYR A 522 -13.59 -9.56 11.47
C TYR A 522 -12.64 -10.69 11.88
N PRO A 523 -11.35 -10.44 12.10
CA PRO A 523 -10.50 -11.53 12.64
C PRO A 523 -10.99 -12.06 13.97
N SER A 524 -11.48 -11.18 14.85
CA SER A 524 -11.99 -11.65 16.14
C SER A 524 -13.22 -12.52 15.96
N LEU A 525 -14.09 -12.15 15.02
CA LEU A 525 -15.27 -12.97 14.73
C LEU A 525 -14.87 -14.33 14.17
N ILE A 526 -13.87 -14.35 13.29
CA ILE A 526 -13.38 -15.62 12.77
C ILE A 526 -12.82 -16.48 13.90
N MET A 527 -12.07 -15.85 14.81
CA MET A 527 -11.51 -16.57 15.95
C MET A 527 -12.60 -17.12 16.87
N ALA A 528 -13.62 -16.30 17.15
CA ALA A 528 -14.61 -16.68 18.14
C ALA A 528 -15.59 -17.72 17.62
N TYR A 529 -16.06 -17.55 16.38
CA TYR A 529 -17.11 -18.39 15.83
C TYR A 529 -16.57 -19.57 15.04
N ASN A 530 -15.26 -19.76 15.01
CA ASN A 530 -14.64 -20.87 14.28
C ASN A 530 -15.00 -20.82 12.80
N PHE A 531 -14.98 -19.62 12.23
CA PHE A 531 -15.35 -19.41 10.82
C PHE A 531 -14.23 -19.93 9.93
N SER A 532 -14.24 -21.24 9.71
CA SER A 532 -13.25 -21.87 8.85
C SER A 532 -13.94 -22.75 7.83
N PRO A 533 -13.39 -22.84 6.62
CA PRO A 533 -14.04 -23.65 5.58
C PRO A 533 -14.20 -25.12 5.96
N GLU A 534 -13.25 -25.68 6.69
CA GLU A 534 -13.34 -27.08 7.08
C GLU A 534 -14.20 -27.30 8.31
N LYS A 535 -14.68 -26.24 8.95
CA LYS A 535 -15.62 -26.33 10.04
C LYS A 535 -17.05 -26.00 9.62
N PHE A 536 -17.29 -25.90 8.32
CA PHE A 536 -18.58 -25.46 7.81
C PHE A 536 -19.48 -26.65 7.54
N VAL A 537 -20.75 -26.51 7.91
CA VAL A 537 -21.78 -27.51 7.67
C VAL A 537 -22.90 -26.86 6.87
N ALA A 538 -23.30 -27.51 5.79
CA ALA A 538 -24.33 -27.00 4.90
C ALA A 538 -25.68 -27.67 5.09
N SER A 539 -25.70 -29.00 5.22
CA SER A 539 -26.96 -29.73 5.36
C SER A 539 -27.57 -29.46 6.72
N ARG A 540 -28.85 -29.11 6.73
CA ARG A 540 -29.56 -28.89 7.99
C ARG A 540 -29.65 -30.18 8.79
N ASP A 541 -29.94 -31.30 8.13
CA ASP A 541 -30.02 -32.58 8.83
C ASP A 541 -28.68 -32.95 9.45
N GLU A 542 -27.59 -32.70 8.72
CA GLU A 542 -26.27 -32.97 9.28
C GLU A 542 -26.00 -32.11 10.50
N ALA A 543 -26.40 -30.84 10.45
CA ALA A 543 -26.24 -29.96 11.61
C ALA A 543 -27.04 -30.47 12.81
N ASN A 544 -28.27 -30.91 12.56
CA ASN A 544 -29.09 -31.44 13.64
C ASN A 544 -28.46 -32.70 14.23
N SER A 545 -27.93 -33.58 13.37
CA SER A 545 -27.27 -34.78 13.85
C SER A 545 -26.04 -34.44 14.68
N LEU A 546 -25.26 -33.46 14.24
CA LEU A 546 -24.08 -33.04 15.00
C LEU A 546 -24.48 -32.48 16.35
N MET A 547 -25.55 -31.67 16.39
CA MET A 547 -26.03 -31.17 17.67
C MET A 547 -26.51 -32.31 18.56
N ALA A 548 -27.09 -33.35 17.95
CA ALA A 548 -27.50 -34.52 18.72
C ALA A 548 -26.33 -35.23 19.36
N LYS A 549 -25.11 -35.01 18.86
CA LYS A 549 -23.91 -35.58 19.46
C LYS A 549 -23.34 -34.69 20.55
N GLY A 550 -24.00 -33.59 20.89
CA GLY A 550 -23.53 -32.71 21.94
C GLY A 550 -22.55 -31.67 21.49
N GLU A 551 -22.39 -31.44 20.20
CA GLU A 551 -21.46 -30.46 19.68
C GLU A 551 -22.15 -29.10 19.52
N SER A 552 -21.43 -28.04 19.87
CA SER A 552 -21.94 -26.70 19.72
C SER A 552 -21.77 -26.22 18.29
N LEU A 553 -22.85 -25.71 17.70
CA LEU A 553 -22.83 -25.19 16.34
C LEU A 553 -23.36 -23.76 16.34
N HIS A 554 -22.86 -22.97 15.40
CA HIS A 554 -23.31 -21.61 15.19
C HIS A 554 -24.03 -21.53 13.85
N TYR A 555 -25.27 -21.08 13.87
CA TYR A 555 -26.11 -21.03 12.67
C TYR A 555 -26.06 -19.64 12.07
N VAL A 556 -25.82 -19.57 10.76
CA VAL A 556 -25.75 -18.30 10.03
C VAL A 556 -26.87 -18.26 9.01
N SER A 557 -27.52 -17.11 8.91
CA SER A 557 -28.59 -16.91 7.95
C SER A 557 -28.53 -15.49 7.42
N PHE A 558 -28.54 -15.35 6.10
CA PHE A 558 -28.50 -14.04 5.47
C PHE A 558 -29.10 -14.16 4.08
N HIS A 559 -29.72 -13.06 3.63
CA HIS A 559 -30.37 -13.03 2.33
C HIS A 559 -29.39 -12.49 1.28
N PHE A 560 -29.10 -13.31 0.28
CA PHE A 560 -28.15 -12.97 -0.76
C PHE A 560 -28.80 -13.18 -2.11
N ASN A 561 -28.96 -12.10 -2.88
CA ASN A 561 -29.62 -12.15 -4.18
C ASN A 561 -31.03 -12.74 -4.07
N ASN A 562 -31.83 -12.15 -3.19
CA ASN A 562 -33.25 -12.47 -3.03
C ASN A 562 -33.47 -13.92 -2.61
N ARG A 563 -32.47 -14.55 -1.99
CA ARG A 563 -32.64 -15.89 -1.46
C ARG A 563 -31.89 -16.00 -0.14
N LEU A 564 -32.40 -16.85 0.75
CA LEU A 564 -31.81 -17.06 2.05
C LEU A 564 -30.71 -18.11 1.97
N VAL A 565 -29.54 -17.78 2.53
CA VAL A 565 -28.40 -18.68 2.56
C VAL A 565 -28.21 -19.12 4.01
N GLU A 566 -28.20 -20.44 4.21
CA GLU A 566 -28.06 -21.02 5.53
C GLU A 566 -26.75 -21.80 5.63
N GLY A 567 -26.21 -21.85 6.84
CA GLY A 567 -24.99 -22.59 7.09
C GLY A 567 -24.77 -22.78 8.57
N TRP A 568 -23.91 -23.75 8.89
CA TRP A 568 -23.58 -24.02 10.28
C TRP A 568 -22.07 -24.21 10.39
N PHE A 569 -21.50 -23.65 11.45
CA PHE A 569 -20.07 -23.76 11.73
C PHE A 569 -19.88 -24.42 13.09
N VAL A 570 -19.04 -25.45 13.12
CA VAL A 570 -18.82 -26.20 14.36
C VAL A 570 -17.91 -25.39 15.26
N TRP A 571 -18.38 -25.11 16.47
CA TRP A 571 -17.58 -24.35 17.42
C TRP A 571 -16.38 -25.18 17.88
N HIS A 572 -15.28 -24.48 18.15
CA HIS A 572 -14.06 -25.16 18.57
C HIS A 572 -14.05 -25.51 20.05
N ASN A 573 -15.02 -25.03 20.82
CA ASN A 573 -15.12 -25.34 22.25
C ASN A 573 -13.88 -24.91 23.01
N ASN A 574 -13.18 -23.89 22.51
CA ASN A 574 -11.92 -23.41 23.06
C ASN A 574 -10.86 -24.50 23.12
N VAL A 575 -11.00 -25.52 22.30
CA VAL A 575 -10.06 -26.64 22.25
C VAL A 575 -9.14 -26.44 21.05
N PRO A 576 -7.83 -26.30 21.24
CA PRO A 576 -6.93 -26.13 20.09
C PRO A 576 -7.02 -27.26 19.09
N ASP A 577 -7.31 -28.48 19.55
CA ASP A 577 -7.50 -29.59 18.63
C ASP A 577 -8.69 -29.34 17.72
N LYS A 578 -9.79 -28.82 18.28
CA LYS A 578 -10.97 -28.52 17.49
C LYS A 578 -10.90 -27.17 16.80
N MET A 579 -9.81 -26.42 16.99
CA MET A 579 -9.72 -25.08 16.43
C MET A 579 -9.65 -25.15 14.91
N GLY A 580 -10.36 -24.26 14.25
CA GLY A 580 -10.43 -24.27 12.81
C GLY A 580 -9.16 -23.75 12.15
N LEU A 581 -9.06 -23.98 10.84
CA LEU A 581 -7.87 -23.56 10.10
C LEU A 581 -7.74 -22.04 10.11
N TYR A 582 -8.80 -21.34 9.71
CA TYR A 582 -8.77 -19.88 9.77
C TYR A 582 -8.53 -19.37 11.19
N PRO A 583 -9.24 -19.84 12.21
CA PRO A 583 -8.91 -19.38 13.57
C PRO A 583 -7.50 -19.74 13.99
N LYS A 584 -6.97 -20.88 13.55
CA LYS A 584 -5.58 -21.22 13.90
C LYS A 584 -4.61 -20.22 13.30
N VAL A 585 -4.81 -19.88 12.01
CA VAL A 585 -3.93 -18.92 11.36
C VAL A 585 -4.02 -17.57 12.03
N LEU A 586 -5.24 -17.12 12.34
CA LEU A 586 -5.40 -15.83 12.99
C LEU A 586 -4.79 -15.83 14.39
N ILE A 587 -4.94 -16.92 15.13
CA ILE A 587 -4.34 -17.02 16.46
C ILE A 587 -2.82 -16.93 16.36
N ASP A 588 -2.23 -17.66 15.42
CA ASP A 588 -0.78 -17.62 15.29
C ASP A 588 -0.30 -16.24 14.89
N LEU A 589 -0.99 -15.60 13.95
CA LEU A 589 -0.60 -14.25 13.54
C LEU A 589 -0.73 -13.26 14.68
N LEU A 590 -1.82 -13.36 15.45
CA LEU A 590 -2.02 -12.44 16.56
C LEU A 590 -0.96 -12.64 17.63
N ASN A 591 -0.61 -13.88 17.94
CA ASN A 591 0.43 -14.13 18.93
C ASN A 591 1.77 -13.61 18.44
N LYS A 592 2.09 -13.84 17.18
CA LYS A 592 3.34 -13.33 16.62
C LYS A 592 3.38 -11.81 16.68
N ARG A 593 2.28 -11.15 16.33
CA ARG A 593 2.25 -9.70 16.35
C ARG A 593 2.36 -9.17 17.78
N THR A 594 1.72 -9.85 18.73
CA THR A 594 1.81 -9.40 20.12
C THR A 594 3.25 -9.53 20.64
N ALA A 595 3.90 -10.65 20.36
CA ALA A 595 5.28 -10.83 20.78
C ALA A 595 6.18 -9.80 20.11
N LEU A 596 5.97 -9.56 18.81
CA LEU A 596 6.80 -8.60 18.10
C LEU A 596 6.57 -7.19 18.61
N LYS A 597 5.33 -6.86 18.99
CA LYS A 597 5.05 -5.53 19.52
C LYS A 597 5.70 -5.33 20.88
N GLN A 598 5.65 -6.35 21.74
CA GLN A 598 6.33 -6.26 23.03
C GLN A 598 7.83 -6.12 22.84
N GLU A 599 8.41 -6.92 21.94
CA GLU A 599 9.84 -6.84 21.69
C GLU A 599 10.20 -5.50 21.05
N LEU A 600 9.32 -4.95 20.23
CA LEU A 600 9.57 -3.64 19.63
C LEU A 600 9.53 -2.54 20.67
N LYS A 601 8.61 -2.63 21.63
CA LYS A 601 8.59 -1.67 22.72
C LYS A 601 9.88 -1.75 23.52
N LYS A 602 10.33 -2.96 23.84
CA LYS A 602 11.60 -3.13 24.54
C LYS A 602 12.76 -2.54 23.74
N LEU A 603 12.80 -2.83 22.45
CA LEU A 603 13.90 -2.38 21.60
C LEU A 603 13.89 -0.87 21.45
N GLY A 604 12.71 -0.28 21.27
CA GLY A 604 12.63 1.17 21.15
C GLY A 604 13.01 1.90 22.43
N GLU A 605 12.58 1.37 23.58
CA GLU A 605 12.97 2.01 24.83
C GLU A 605 14.46 1.85 25.08
N LYS A 606 15.04 0.71 24.69
CA LYS A 606 16.49 0.56 24.78
C LYS A 606 17.21 1.54 23.86
N LYS A 607 16.68 1.73 22.64
CA LYS A 607 17.27 2.66 21.70
C LYS A 607 17.23 4.09 22.22
N GLU A 608 16.09 4.49 22.80
CA GLU A 608 16.00 5.80 23.41
C GLU A 608 16.82 5.91 24.68
N CYS A 609 17.18 4.78 25.29
CA CYS A 609 18.05 4.76 26.46
C CYS A 609 19.53 4.84 26.10
N ILE A 610 19.85 4.84 24.81
CA ILE A 610 21.23 4.94 24.35
C ILE A 610 21.36 6.15 23.43
N HIS A 611 22.57 6.69 23.34
CA HIS A 611 22.80 7.86 22.52
C HIS A 611 22.95 7.47 21.05
N GLU A 612 22.78 8.47 20.18
CA GLU A 612 22.81 8.22 18.74
C GLU A 612 24.21 7.86 18.26
N SER A 613 25.25 8.43 18.87
CA SER A 613 26.62 8.20 18.43
C SER A 613 27.21 6.89 18.97
N HIS A 614 26.38 5.97 19.45
CA HIS A 614 26.90 4.72 19.97
C HIS A 614 27.43 3.85 18.83
N PRO A 615 28.51 3.10 19.05
CA PRO A 615 29.00 2.20 17.99
C PRO A 615 27.98 1.15 17.59
N GLY A 616 27.18 0.66 18.53
CA GLY A 616 26.13 -0.30 18.23
C GLY A 616 24.81 0.30 17.82
N PHE A 617 24.76 1.63 17.65
CA PHE A 617 23.51 2.29 17.29
C PHE A 617 23.03 1.84 15.93
N LYS A 618 23.94 1.63 14.98
CA LYS A 618 23.54 1.21 13.64
C LYS A 618 22.90 -0.17 13.67
N GLU A 619 23.51 -1.12 14.37
CA GLU A 619 22.94 -2.47 14.45
C GLU A 619 21.61 -2.45 15.17
N LEU A 620 21.50 -1.69 16.25
CA LEU A 620 20.24 -1.60 16.98
C LEU A 620 19.15 -0.98 16.12
N GLN A 621 19.50 0.04 15.34
CA GLN A 621 18.53 0.66 14.44
C GLN A 621 18.09 -0.32 13.37
N PHE A 622 19.03 -1.10 12.83
CA PHE A 622 18.66 -2.12 11.85
C PHE A 622 17.71 -3.15 12.45
N ARG A 623 17.99 -3.60 13.68
CA ARG A 623 17.12 -4.55 14.34
C ARG A 623 15.73 -3.96 14.55
N HIS A 624 15.67 -2.71 15.00
CA HIS A 624 14.38 -2.06 15.19
C HIS A 624 13.62 -1.93 13.87
N ALA A 625 14.32 -1.56 12.79
CA ALA A 625 13.66 -1.40 11.51
C ALA A 625 13.10 -2.73 11.00
N MET A 626 13.88 -3.81 11.14
CA MET A 626 13.38 -5.09 10.64
C MET A 626 12.25 -5.62 11.51
N VAL A 627 12.30 -5.39 12.83
CA VAL A 627 11.18 -5.78 13.69
C VAL A 627 9.92 -5.01 13.31
N ASP A 628 10.06 -3.71 13.06
CA ASP A 628 8.93 -2.90 12.67
C ASP A 628 8.35 -3.36 11.34
N ALA A 629 9.22 -3.69 10.38
CA ALA A 629 8.74 -4.19 9.09
C ALA A 629 8.00 -5.50 9.26
N LYS A 630 8.52 -6.40 10.10
CA LYS A 630 7.87 -7.68 10.33
C LYS A 630 6.50 -7.49 10.95
N GLN A 631 6.39 -6.63 11.97
CA GLN A 631 5.10 -6.43 12.60
C GLN A 631 4.12 -5.70 11.68
N LYS A 632 4.64 -4.82 10.81
CA LYS A 632 3.76 -4.16 9.85
C LYS A 632 3.22 -5.15 8.82
N ALA A 633 4.06 -6.08 8.37
CA ALA A 633 3.58 -7.12 7.48
C ALA A 633 2.53 -7.99 8.17
N LEU A 634 2.76 -8.30 9.44
CA LEU A 634 1.76 -9.06 10.20
C LEU A 634 0.45 -8.29 10.29
N LYS A 635 0.53 -6.97 10.50
CA LYS A 635 -0.68 -6.16 10.62
C LYS A 635 -1.44 -6.13 9.29
N ILE A 636 -0.73 -5.93 8.18
CA ILE A 636 -1.43 -5.81 6.90
C ILE A 636 -2.03 -7.16 6.50
N PHE A 637 -1.35 -8.26 6.82
CA PHE A 637 -1.98 -9.56 6.61
C PHE A 637 -3.17 -9.75 7.53
N MET A 638 -3.12 -9.17 8.73
CA MET A 638 -4.25 -9.27 9.64
C MET A 638 -5.49 -8.58 9.07
N ASN A 639 -5.31 -7.38 8.52
CA ASN A 639 -6.45 -6.58 8.08
C ASN A 639 -7.06 -7.12 6.79
N THR A 640 -6.23 -7.56 5.86
CA THR A 640 -6.72 -7.98 4.54
C THR A 640 -7.22 -9.41 4.53
N PHE A 641 -7.14 -10.12 5.66
CA PHE A 641 -7.58 -11.51 5.69
C PHE A 641 -9.07 -11.61 5.36
N TYR A 642 -9.89 -10.76 5.98
CA TYR A 642 -11.32 -10.80 5.71
C TYR A 642 -11.62 -10.45 4.26
N GLY A 643 -10.96 -9.41 3.74
CA GLY A 643 -11.21 -9.00 2.37
C GLY A 643 -10.93 -10.11 1.38
N GLU A 644 -9.82 -10.82 1.56
CA GLU A 644 -9.54 -11.99 0.73
C GLU A 644 -10.58 -13.08 0.98
N ALA A 645 -10.97 -13.28 2.23
CA ALA A 645 -12.01 -14.27 2.52
C ALA A 645 -13.33 -13.90 1.85
N GLY A 646 -13.67 -12.62 1.87
CA GLY A 646 -14.86 -12.15 1.18
C GLY A 646 -14.70 -12.02 -0.32
N ASN A 647 -13.49 -12.14 -0.84
CA ASN A 647 -13.26 -12.07 -2.28
C ASN A 647 -13.85 -13.30 -2.94
N ASN A 648 -14.86 -13.10 -3.78
CA ASN A 648 -15.54 -14.22 -4.42
C ASN A 648 -14.61 -14.98 -5.37
N LEU A 649 -13.63 -14.30 -5.97
CA LEU A 649 -12.69 -14.95 -6.87
C LEU A 649 -11.70 -15.85 -6.15
N SER A 650 -11.62 -15.77 -4.82
CA SER A 650 -10.65 -16.56 -4.09
C SER A 650 -10.98 -18.05 -4.19
N PRO A 651 -9.96 -18.91 -4.29
CA PRO A 651 -10.23 -20.35 -4.27
C PRO A 651 -10.86 -20.82 -2.98
N PHE A 652 -10.53 -20.18 -1.86
CA PHE A 652 -11.10 -20.52 -0.56
C PHE A 652 -12.43 -19.82 -0.30
N PHE A 653 -12.92 -19.04 -1.25
CA PHE A 653 -14.15 -18.29 -1.01
C PHE A 653 -15.30 -19.24 -0.72
N LEU A 654 -16.06 -18.92 0.32
CA LEU A 654 -17.25 -19.66 0.69
C LEU A 654 -18.33 -18.64 1.00
N LEU A 655 -19.30 -18.52 0.11
CA LEU A 655 -20.37 -17.54 0.30
C LEU A 655 -21.05 -17.65 1.66
N PRO A 656 -21.41 -18.84 2.16
CA PRO A 656 -21.90 -18.90 3.54
C PRO A 656 -20.92 -18.36 4.55
N LEU A 657 -19.61 -18.55 4.34
CA LEU A 657 -18.63 -18.07 5.31
C LEU A 657 -18.61 -16.55 5.37
N ALA A 658 -18.50 -15.89 4.22
CA ALA A 658 -18.46 -14.43 4.21
C ALA A 658 -19.79 -13.85 4.70
N GLY A 659 -20.90 -14.43 4.25
CA GLY A 659 -22.20 -13.97 4.73
C GLY A 659 -22.33 -14.13 6.23
N GLY A 660 -21.85 -15.25 6.78
CA GLY A 660 -21.90 -15.46 8.20
C GLY A 660 -21.01 -14.50 8.97
N VAL A 661 -19.84 -14.18 8.41
CA VAL A 661 -18.97 -13.20 9.06
C VAL A 661 -19.64 -11.85 9.13
N THR A 662 -20.23 -11.41 8.02
CA THR A 662 -20.93 -10.13 8.01
C THR A 662 -22.12 -10.14 8.97
N SER A 663 -22.92 -11.21 8.93
CA SER A 663 -24.10 -11.29 9.77
C SER A 663 -23.71 -11.36 11.25
N SER A 664 -22.60 -12.04 11.57
CA SER A 664 -22.14 -12.10 12.94
C SER A 664 -21.63 -10.75 13.41
N GLY A 665 -20.95 -10.01 12.54
CA GLY A 665 -20.57 -8.66 12.89
C GLY A 665 -21.77 -7.79 13.18
N GLN A 666 -22.78 -7.86 12.31
CA GLN A 666 -23.99 -7.07 12.52
C GLN A 666 -24.70 -7.51 13.79
N TYR A 667 -24.76 -8.82 14.05
CA TYR A 667 -25.45 -9.31 15.24
C TYR A 667 -24.73 -8.91 16.52
N ASN A 668 -23.41 -8.95 16.51
CA ASN A 668 -22.66 -8.52 17.69
C ASN A 668 -22.78 -7.02 17.90
N LEU A 669 -22.80 -6.25 16.81
CA LEU A 669 -23.05 -4.82 16.96
C LEU A 669 -24.45 -4.57 17.54
N LYS A 670 -25.45 -5.33 17.08
CA LYS A 670 -26.78 -5.25 17.65
C LYS A 670 -26.76 -5.57 19.13
N LEU A 671 -26.05 -6.63 19.51
CA LEU A 671 -26.03 -7.08 20.90
C LEU A 671 -25.38 -6.03 21.79
N VAL A 672 -24.25 -5.47 21.35
CA VAL A 672 -23.58 -4.46 22.15
C VAL A 672 -24.42 -3.19 22.24
N TYR A 673 -25.04 -2.80 21.13
CA TYR A 673 -25.87 -1.60 21.11
C TYR A 673 -27.06 -1.75 22.07
N ASN A 674 -27.72 -2.90 22.03
CA ASN A 674 -28.84 -3.14 22.94
C ASN A 674 -28.37 -3.19 24.38
N PHE A 675 -27.20 -3.81 24.62
CA PHE A 675 -26.68 -3.91 25.98
C PHE A 675 -26.38 -2.54 26.57
N VAL A 676 -25.78 -1.65 25.77
CA VAL A 676 -25.45 -0.33 26.29
C VAL A 676 -26.68 0.56 26.36
N ILE A 677 -27.66 0.36 25.47
CA ILE A 677 -28.90 1.12 25.58
C ILE A 677 -29.66 0.73 26.84
N ASN A 678 -29.73 -0.57 27.13
CA ASN A 678 -30.43 -1.02 28.33
C ASN A 678 -29.72 -0.56 29.60
N LYS A 679 -28.47 -0.15 29.50
CA LYS A 679 -27.73 0.37 30.65
C LYS A 679 -27.83 1.88 30.78
N GLY A 680 -28.63 2.53 29.93
CA GLY A 680 -28.80 3.96 29.99
C GLY A 680 -27.76 4.78 29.26
N TYR A 681 -26.81 4.14 28.59
CA TYR A 681 -25.78 4.84 27.85
C TYR A 681 -26.31 5.20 26.46
N GLY A 682 -26.26 6.49 26.13
CA GLY A 682 -26.71 6.93 24.82
C GLY A 682 -25.70 6.63 23.73
N ILE A 683 -26.17 6.71 22.49
CA ILE A 683 -25.36 6.44 21.31
C ILE A 683 -25.35 7.67 20.44
N LYS A 684 -24.16 8.10 20.03
CA LYS A 684 -24.00 9.23 19.12
C LYS A 684 -23.80 8.80 17.69
N TYR A 685 -23.06 7.72 17.47
CA TYR A 685 -22.73 7.28 16.11
C TYR A 685 -22.16 5.87 16.18
N GLY A 686 -22.69 4.98 15.34
CA GLY A 686 -22.22 3.61 15.32
C GLY A 686 -22.19 3.02 13.93
N ASP A 687 -21.08 2.39 13.56
CA ASP A 687 -20.92 1.85 12.22
C ASP A 687 -19.96 0.67 12.26
N THR A 688 -20.45 -0.49 11.84
CA THR A 688 -19.61 -1.66 11.59
C THR A 688 -18.89 -2.15 12.83
N ASP A 689 -17.93 -1.38 13.32
CA ASP A 689 -17.07 -1.84 14.40
C ASP A 689 -16.86 -0.80 15.51
N SER A 690 -17.43 0.40 15.37
CA SER A 690 -17.22 1.45 16.35
C SER A 690 -18.58 1.94 16.86
N LEU A 691 -18.65 2.21 18.15
CA LEU A 691 -19.86 2.74 18.78
C LEU A 691 -19.47 3.94 19.64
N TYR A 692 -19.66 5.14 19.10
CA TYR A 692 -19.36 6.36 19.82
C TYR A 692 -20.53 6.66 20.75
N ILE A 693 -20.37 6.31 22.02
CA ILE A 693 -21.47 6.28 22.97
C ILE A 693 -21.28 7.38 24.00
N THR A 694 -22.32 7.62 24.79
CA THR A 694 -22.31 8.64 25.82
C THR A 694 -22.74 8.03 27.15
N CYS A 695 -22.20 8.57 28.24
CA CYS A 695 -22.59 8.16 29.56
C CYS A 695 -23.93 8.76 29.96
N PRO A 696 -24.69 8.10 30.83
CA PRO A 696 -25.97 8.67 31.27
C PRO A 696 -25.75 9.98 32.02
N ASP A 697 -26.74 10.87 31.90
CA ASP A 697 -26.64 12.16 32.57
C ASP A 697 -26.64 12.02 34.08
N SER A 698 -27.23 10.93 34.60
CA SER A 698 -27.27 10.72 36.04
C SER A 698 -25.88 10.59 36.63
N LEU A 699 -24.91 10.17 35.83
CA LEU A 699 -23.56 9.97 36.33
C LEU A 699 -22.88 11.29 36.67
N TYR A 700 -23.17 12.35 35.92
CA TYR A 700 -22.50 13.63 36.09
C TYR A 700 -23.26 14.58 37.01
N THR A 701 -24.38 14.14 37.60
CA THR A 701 -25.24 15.06 38.34
C THR A 701 -24.52 15.70 39.52
N GLU A 702 -23.76 14.92 40.28
CA GLU A 702 -23.12 15.45 41.48
C GLU A 702 -22.11 16.54 41.12
N VAL A 703 -21.26 16.30 40.12
CA VAL A 703 -20.30 17.33 39.72
C VAL A 703 -21.00 18.47 39.00
N THR A 704 -22.10 18.17 38.30
CA THR A 704 -22.85 19.23 37.63
C THR A 704 -23.40 20.22 38.65
N ASP A 705 -23.98 19.72 39.75
CA ASP A 705 -24.50 20.62 40.77
C ASP A 705 -23.36 21.26 41.57
N ALA A 706 -22.25 20.54 41.75
CA ALA A 706 -21.09 21.15 42.38
C ALA A 706 -20.60 22.35 41.58
N TYR A 707 -20.75 22.30 40.26
CA TYR A 707 -20.52 23.49 39.45
C TYR A 707 -21.63 24.50 39.62
N LEU A 708 -22.88 24.03 39.66
CA LEU A 708 -24.03 24.94 39.72
C LEU A 708 -24.08 25.68 41.05
N ASN A 709 -23.94 24.97 42.17
CA ASN A 709 -23.97 25.63 43.45
C ASN A 709 -22.75 26.50 43.71
N SER A 710 -21.70 26.36 42.89
CA SER A 710 -20.53 27.21 42.98
C SER A 710 -20.78 28.53 42.24
N GLN A 711 -19.75 29.36 42.18
CA GLN A 711 -19.87 30.67 41.53
C GLN A 711 -19.92 30.56 40.01
N LYS A 712 -19.61 29.40 39.45
CA LYS A 712 -19.60 29.17 38.00
C LYS A 712 -18.63 30.12 37.29
N THR A 713 -17.36 30.02 37.67
CA THR A 713 -16.32 30.74 36.96
C THR A 713 -15.93 29.98 35.70
N ILE A 714 -15.08 30.62 34.88
CA ILE A 714 -14.49 29.92 33.75
C ILE A 714 -13.63 28.76 34.24
N LYS A 715 -12.87 29.00 35.31
CA LYS A 715 -12.11 27.92 35.94
C LYS A 715 -13.04 26.84 36.47
N HIS A 716 -14.18 27.24 37.04
CA HIS A 716 -15.15 26.25 37.51
C HIS A 716 -15.64 25.39 36.36
N TYR A 717 -15.93 26.01 35.20
CA TYR A 717 -16.42 25.24 34.07
C TYR A 717 -15.35 24.32 33.51
N GLU A 718 -14.10 24.80 33.40
CA GLU A 718 -13.05 23.94 32.89
C GLU A 718 -12.80 22.77 33.83
N GLN A 719 -12.88 23.01 35.15
CA GLN A 719 -12.81 21.88 36.08
C GLN A 719 -13.97 20.91 35.83
N LEU A 720 -15.20 21.44 35.82
CA LEU A 720 -16.36 20.60 35.54
C LEU A 720 -16.12 19.70 34.35
N CYS A 721 -15.58 20.27 33.26
CA CYS A 721 -15.23 19.47 32.10
C CYS A 721 -14.15 18.44 32.42
N HIS A 722 -13.16 18.81 33.22
CA HIS A 722 -12.05 17.90 33.51
C HIS A 722 -12.55 16.67 34.28
N GLU A 723 -13.28 16.90 35.38
CA GLU A 723 -13.85 15.76 36.11
C GLU A 723 -14.92 15.04 35.30
N LYS A 724 -15.63 15.72 34.39
CA LYS A 724 -16.54 15.01 33.51
C LYS A 724 -15.78 14.01 32.65
N VAL A 725 -14.66 14.45 32.08
CA VAL A 725 -13.86 13.55 31.25
C VAL A 725 -13.31 12.40 32.09
N LEU A 726 -12.82 12.71 33.30
CA LEU A 726 -12.26 11.67 34.16
C LEU A 726 -13.32 10.62 34.52
N LEU A 727 -14.50 11.07 34.94
CA LEU A 727 -15.57 10.15 35.28
C LEU A 727 -15.99 9.34 34.06
N SER A 728 -16.07 9.98 32.90
CA SER A 728 -16.42 9.26 31.69
C SER A 728 -15.41 8.17 31.40
N MET A 729 -14.12 8.51 31.48
CA MET A 729 -13.08 7.53 31.21
C MET A 729 -13.18 6.34 32.16
N LYS A 730 -13.28 6.60 33.47
CA LYS A 730 -13.29 5.51 34.43
C LYS A 730 -14.55 4.66 34.28
N ALA A 731 -15.72 5.31 34.27
CA ALA A 731 -16.97 4.57 34.22
C ALA A 731 -17.12 3.81 32.90
N MET A 732 -16.61 4.37 31.81
CA MET A 732 -16.76 3.70 30.54
C MET A 732 -15.68 2.66 30.32
N SER A 733 -14.54 2.75 31.01
CA SER A 733 -13.65 1.60 31.07
C SER A 733 -14.31 0.45 31.82
N THR A 734 -15.02 0.76 32.91
CA THR A 734 -15.80 -0.27 33.60
C THR A 734 -16.86 -0.84 32.68
N LEU A 735 -17.53 0.03 31.91
CA LEU A 735 -18.54 -0.43 30.96
C LEU A 735 -17.93 -1.29 29.87
N CYS A 736 -16.73 -0.96 29.41
CA CYS A 736 -16.05 -1.78 28.42
C CYS A 736 -15.71 -3.15 28.99
N ALA A 737 -15.28 -3.18 30.26
CA ALA A 737 -15.05 -4.47 30.89
C ALA A 737 -16.33 -5.29 30.97
N GLU A 738 -17.43 -4.65 31.35
CA GLU A 738 -18.72 -5.35 31.40
C GLU A 738 -19.14 -5.85 30.03
N VAL A 739 -18.91 -5.03 29.00
CA VAL A 739 -19.27 -5.42 27.63
C VAL A 739 -18.44 -6.60 27.19
N ASN A 740 -17.14 -6.59 27.50
CA ASN A 740 -16.28 -7.72 27.16
C ASN A 740 -16.73 -8.98 27.87
N GLU A 741 -17.09 -8.88 29.15
CA GLU A 741 -17.59 -10.03 29.88
C GLU A 741 -18.89 -10.56 29.28
N TYR A 742 -19.80 -9.66 28.91
CA TYR A 742 -21.05 -10.07 28.31
C TYR A 742 -20.83 -10.75 26.97
N LEU A 743 -19.92 -10.21 26.16
CA LEU A 743 -19.60 -10.82 24.87
C LEU A 743 -18.97 -12.19 25.06
N ARG A 744 -18.08 -12.33 26.05
CA ARG A 744 -17.48 -13.63 26.32
C ARG A 744 -18.53 -14.64 26.76
N GLN A 745 -19.48 -14.21 27.60
CA GLN A 745 -20.56 -15.09 28.01
C GLN A 745 -21.42 -15.50 26.82
N ASP A 746 -21.72 -14.55 25.93
CA ASP A 746 -22.55 -14.85 24.77
C ASP A 746 -21.85 -15.83 23.82
N ASN A 747 -20.57 -15.62 23.57
CA ASN A 747 -19.83 -16.42 22.60
C ASN A 747 -19.13 -17.63 23.22
N GLY A 748 -18.88 -17.60 24.52
CA GLY A 748 -18.12 -18.66 25.14
C GLY A 748 -16.62 -18.54 24.99
N THR A 749 -16.14 -17.45 24.41
CA THR A 749 -14.71 -17.26 24.21
C THR A 749 -14.38 -15.78 24.32
N SER A 750 -13.10 -15.50 24.56
CA SER A 750 -12.63 -14.14 24.81
C SER A 750 -12.01 -13.50 23.57
N TYR A 751 -12.08 -14.16 22.42
CA TYR A 751 -11.44 -13.63 21.22
C TYR A 751 -12.08 -12.32 20.78
N LEU A 752 -13.41 -12.23 20.83
CA LEU A 752 -14.11 -11.01 20.48
C LEU A 752 -14.05 -10.06 21.66
N ARG A 753 -13.32 -8.96 21.51
CA ARG A 753 -13.03 -8.06 22.62
C ARG A 753 -13.31 -6.62 22.21
N MET A 754 -13.91 -5.87 23.13
CA MET A 754 -14.20 -4.46 22.95
C MET A 754 -13.09 -3.64 23.58
N ALA A 755 -12.79 -2.49 22.97
CA ALA A 755 -11.72 -1.64 23.48
C ALA A 755 -12.00 -0.18 23.14
N TYR A 756 -11.38 0.69 23.93
CA TYR A 756 -11.42 2.14 23.69
C TYR A 756 -10.04 2.70 23.99
N GLU A 757 -9.68 3.78 23.31
CA GLU A 757 -8.31 4.29 23.38
C GLU A 757 -8.20 5.76 23.74
N GLU A 758 -9.13 6.61 23.32
CA GLU A 758 -9.24 7.95 23.89
C GLU A 758 -10.71 8.30 24.06
N VAL A 759 -10.96 9.48 24.60
CA VAL A 759 -12.30 10.03 24.75
C VAL A 759 -12.33 11.42 24.15
N LEU A 760 -13.47 11.80 23.59
CA LEU A 760 -13.67 13.08 22.92
C LEU A 760 -14.82 13.79 23.61
N PHE A 761 -14.52 14.58 24.63
CA PHE A 761 -15.60 15.34 25.27
C PHE A 761 -16.14 16.36 24.29
N PRO A 762 -15.31 17.30 23.77
CA PRO A 762 -15.84 18.17 22.72
C PRO A 762 -15.81 17.45 21.38
N VAL A 763 -16.97 17.10 20.84
CA VAL A 763 -17.03 16.30 19.63
C VAL A 763 -18.24 16.76 18.81
N CYS A 764 -18.06 16.75 17.50
CA CYS A 764 -19.11 17.12 16.56
C CYS A 764 -19.14 16.12 15.41
N PHE A 765 -20.34 15.65 15.08
CA PHE A 765 -20.53 14.68 14.01
C PHE A 765 -21.26 15.38 12.87
N THR A 766 -20.68 15.33 11.67
CA THR A 766 -21.23 16.01 10.51
C THR A 766 -21.69 15.05 9.42
N GLY A 767 -21.73 13.76 9.70
CA GLY A 767 -22.19 12.79 8.73
C GLY A 767 -21.54 11.44 8.98
N LYS A 768 -21.80 10.52 8.06
CA LYS A 768 -21.24 9.18 8.17
C LYS A 768 -19.73 9.22 8.02
N LYS A 769 -19.03 8.66 9.01
CA LYS A 769 -17.56 8.68 9.06
C LYS A 769 -17.03 10.11 9.06
N LYS A 770 -17.78 11.02 9.66
CA LYS A 770 -17.44 12.44 9.66
C LYS A 770 -17.55 12.95 11.09
N TYR A 771 -16.43 13.03 11.79
CA TYR A 771 -16.43 13.52 13.16
C TYR A 771 -15.05 14.03 13.51
N TYR A 772 -14.99 14.81 14.58
CA TYR A 772 -13.74 15.42 15.02
C TYR A 772 -13.90 15.86 16.46
N GLY A 773 -12.77 16.07 17.13
CA GLY A 773 -12.82 16.56 18.50
C GLY A 773 -11.49 16.38 19.19
N ILE A 774 -11.40 16.97 20.37
CA ILE A 774 -10.19 16.88 21.19
C ILE A 774 -10.08 15.48 21.78
N ALA A 775 -8.92 14.86 21.59
CA ALA A 775 -8.70 13.50 22.05
C ALA A 775 -8.01 13.55 23.42
N HIS A 776 -8.65 12.92 24.40
CA HIS A 776 -8.07 12.76 25.74
C HIS A 776 -7.75 11.28 25.91
N VAL A 777 -6.47 10.94 25.84
CA VAL A 777 -6.04 9.54 25.90
C VAL A 777 -5.98 9.05 27.33
N ASN A 778 -5.28 9.78 28.19
CA ASN A 778 -5.14 9.37 29.58
C ASN A 778 -5.55 10.47 30.55
N THR A 779 -5.24 11.73 30.25
CA THR A 779 -5.52 12.84 31.14
C THR A 779 -6.28 13.92 30.38
N PRO A 780 -7.35 14.46 30.97
CA PRO A 780 -8.10 15.53 30.29
C PRO A 780 -7.25 16.76 30.03
N ASN A 781 -7.03 17.06 28.76
CA ASN A 781 -6.25 18.24 28.36
C ASN A 781 -7.02 18.97 27.27
N PHE A 782 -7.67 20.07 27.63
CA PHE A 782 -8.45 20.86 26.70
C PHE A 782 -7.64 21.93 26.00
N ASN A 783 -6.35 22.06 26.34
CA ASN A 783 -5.45 23.00 25.69
C ASN A 783 -4.69 22.37 24.54
N THR A 784 -4.97 21.11 24.22
CA THR A 784 -4.24 20.41 23.17
C THR A 784 -4.56 21.03 21.82
N LYS A 785 -3.52 21.33 21.03
CA LYS A 785 -3.71 21.91 19.72
C LYS A 785 -4.00 20.89 18.63
N GLU A 786 -3.34 19.73 18.67
CA GLU A 786 -3.65 18.67 17.72
C GLU A 786 -5.02 18.08 18.05
N LEU A 787 -5.79 17.80 17.01
CA LEU A 787 -7.19 17.45 17.18
C LEU A 787 -7.49 16.15 16.44
N PHE A 788 -8.13 15.22 17.12
CA PHE A 788 -8.47 13.93 16.53
C PHE A 788 -9.52 14.14 15.44
N ILE A 789 -9.14 13.85 14.20
CA ILE A 789 -10.03 13.99 13.06
C ILE A 789 -10.02 12.68 12.28
N ARG A 790 -11.21 12.11 12.08
CA ARG A 790 -11.35 10.85 11.35
C ARG A 790 -12.38 11.05 10.24
N GLY A 791 -11.92 11.57 9.12
CA GLY A 791 -12.71 11.71 7.91
C GLY A 791 -13.27 13.10 7.75
N ILE A 792 -12.54 13.94 6.99
CA ILE A 792 -12.96 15.30 6.67
C ILE A 792 -12.00 15.83 5.63
N ASP A 793 -12.43 16.84 4.86
CA ASP A 793 -11.60 17.40 3.80
C ASP A 793 -10.62 18.41 4.38
N ILE A 794 -9.77 17.95 5.30
CA ILE A 794 -8.63 18.72 5.79
C ILE A 794 -7.37 17.93 5.47
N ILE A 795 -7.35 16.67 5.89
CA ILE A 795 -6.20 15.80 5.64
C ILE A 795 -6.04 15.55 4.14
N LYS A 796 -7.08 15.82 3.36
CA LYS A 796 -6.96 15.73 1.90
C LYS A 796 -6.21 16.93 1.37
N GLN A 797 -4.92 17.03 1.73
CA GLN A 797 -4.07 18.16 1.38
C GLN A 797 -4.71 19.48 1.81
N GLY A 798 -5.37 20.15 0.87
CA GLY A 798 -5.89 21.49 1.09
C GLY A 798 -5.06 22.59 0.46
N GLN A 799 -3.82 22.29 0.08
CA GLN A 799 -2.98 23.20 -0.70
C GLN A 799 -2.78 24.55 -0.03
N THR A 800 -3.60 25.53 -0.40
CA THR A 800 -3.40 26.92 0.01
C THR A 800 -3.38 27.07 1.52
N LYS A 801 -2.48 27.92 2.01
CA LYS A 801 -2.41 28.23 3.43
C LYS A 801 -3.73 28.80 3.91
N LEU A 802 -4.44 29.51 3.02
CA LEU A 802 -5.74 30.07 3.38
C LEU A 802 -6.72 28.96 3.77
N THR A 803 -6.77 27.88 2.99
CA THR A 803 -7.74 26.82 3.25
C THR A 803 -7.45 26.12 4.56
N LYS A 804 -6.19 25.71 4.77
CA LYS A 804 -5.83 25.06 6.02
C LYS A 804 -6.05 25.99 7.20
N THR A 805 -5.73 27.27 7.03
CA THR A 805 -5.91 28.23 8.12
C THR A 805 -7.37 28.38 8.50
N ILE A 806 -8.25 28.54 7.51
CA ILE A 806 -9.66 28.72 7.82
C ILE A 806 -10.26 27.43 8.38
N GLY A 807 -9.83 26.29 7.84
CA GLY A 807 -10.32 25.02 8.37
C GLY A 807 -9.94 24.81 9.82
N THR A 808 -8.66 25.05 10.15
CA THR A 808 -8.25 24.88 11.53
C THR A 808 -8.84 25.96 12.42
N ARG A 809 -9.14 27.14 11.87
CA ARG A 809 -9.76 28.19 12.68
C ARG A 809 -11.18 27.82 13.07
N ILE A 810 -11.98 27.35 12.11
CA ILE A 810 -13.32 26.89 12.45
C ILE A 810 -13.27 25.65 13.34
N MET A 811 -12.29 24.78 13.10
CA MET A 811 -12.08 23.62 13.97
C MET A 811 -11.87 24.04 15.42
N GLU A 812 -10.94 24.96 15.65
CA GLU A 812 -10.61 25.36 17.02
C GLU A 812 -11.75 26.16 17.65
N GLU A 813 -12.34 27.09 16.90
CA GLU A 813 -13.39 27.92 17.47
C GLU A 813 -14.64 27.10 17.81
N SER A 814 -14.98 26.13 16.95
CA SER A 814 -16.16 25.31 17.21
C SER A 814 -15.98 24.39 18.41
N MET A 815 -14.73 24.10 18.78
CA MET A 815 -14.43 23.17 19.86
C MET A 815 -14.07 23.86 21.17
N LYS A 816 -14.28 25.16 21.26
CA LYS A 816 -13.97 25.88 22.49
C LYS A 816 -14.92 25.47 23.61
N LEU A 817 -14.37 25.33 24.81
CA LEU A 817 -15.17 25.00 25.97
C LEU A 817 -15.98 26.21 26.40
N ARG A 818 -17.30 26.13 26.25
CA ARG A 818 -18.18 27.24 26.55
C ARG A 818 -19.26 26.79 27.51
N ARG A 819 -19.50 27.59 28.54
CA ARG A 819 -20.45 27.22 29.57
C ARG A 819 -21.87 27.20 29.01
N PRO A 820 -22.73 26.32 29.53
CA PRO A 820 -24.14 26.33 29.08
C PRO A 820 -24.83 27.65 29.32
N GLU A 821 -24.49 28.35 30.42
CA GLU A 821 -25.04 29.68 30.64
C GLU A 821 -24.55 30.66 29.58
N ASP A 822 -23.30 30.52 29.15
CA ASP A 822 -22.79 31.37 28.08
C ASP A 822 -23.41 31.00 26.74
N HIS A 823 -23.22 31.88 25.76
CA HIS A 823 -23.74 31.64 24.43
C HIS A 823 -23.06 30.42 23.81
N ARG A 824 -23.86 29.53 23.22
CA ARG A 824 -23.38 28.29 22.62
C ARG A 824 -23.90 28.23 21.18
N PRO A 825 -23.24 28.91 20.24
CA PRO A 825 -23.72 28.91 18.87
C PRO A 825 -23.60 27.53 18.25
N PRO A 826 -24.49 27.17 17.34
CA PRO A 826 -24.35 25.90 16.63
C PRO A 826 -23.23 25.94 15.60
N LEU A 827 -23.04 24.84 14.88
CA LEU A 827 -21.99 24.80 13.86
C LEU A 827 -22.26 25.79 12.73
N ILE A 828 -23.52 25.93 12.31
CA ILE A 828 -23.84 26.83 11.22
C ILE A 828 -23.50 28.26 11.61
N GLU A 829 -23.91 28.68 12.80
CA GLU A 829 -23.64 30.06 13.23
C GLU A 829 -22.15 30.32 13.34
N ILE A 830 -21.39 29.36 13.90
CA ILE A 830 -19.98 29.59 14.11
C ILE A 830 -19.22 29.61 12.78
N VAL A 831 -19.63 28.77 11.82
CA VAL A 831 -18.97 28.83 10.53
C VAL A 831 -19.31 30.12 9.80
N LYS A 832 -20.56 30.60 9.94
CA LYS A 832 -20.92 31.89 9.37
C LYS A 832 -20.06 33.00 9.98
N THR A 833 -19.88 32.95 11.30
CA THR A 833 -19.09 33.97 11.98
C THR A 833 -17.63 33.94 11.55
N VAL A 834 -17.04 32.74 11.46
CA VAL A 834 -15.63 32.66 11.10
C VAL A 834 -15.43 33.08 9.65
N LEU A 835 -16.38 32.75 8.78
CA LEU A 835 -16.25 33.18 7.38
C LEU A 835 -16.41 34.69 7.25
N LYS A 836 -17.33 35.27 8.03
CA LYS A 836 -17.45 36.73 8.05
C LYS A 836 -16.15 37.37 8.53
N ASP A 837 -15.55 36.79 9.57
CA ASP A 837 -14.28 37.31 10.06
C ASP A 837 -13.20 37.21 8.98
N ALA A 838 -13.17 36.08 8.26
CA ALA A 838 -12.14 35.89 7.24
C ALA A 838 -12.31 36.84 6.07
N VAL A 839 -13.54 37.08 5.62
CA VAL A 839 -13.74 37.86 4.41
C VAL A 839 -13.76 39.35 4.71
N VAL A 840 -14.41 39.76 5.80
CA VAL A 840 -14.48 41.18 6.14
C VAL A 840 -13.11 41.69 6.57
N ASN A 841 -12.43 40.93 7.43
CA ASN A 841 -11.10 41.32 7.92
C ASN A 841 -10.05 40.69 7.02
N MET A 842 -9.71 41.42 5.95
CA MET A 842 -8.63 41.03 5.05
C MET A 842 -7.24 41.18 5.65
N LYS A 843 -7.04 42.14 6.57
CA LYS A 843 -5.71 42.44 7.06
C LYS A 843 -5.08 41.26 7.78
N GLN A 844 -5.85 40.24 8.16
CA GLN A 844 -5.32 39.03 8.76
C GLN A 844 -4.66 38.10 7.74
N TRP A 845 -4.89 38.30 6.45
CA TRP A 845 -4.32 37.44 5.41
C TRP A 845 -3.21 38.17 4.67
N ASN A 846 -2.20 37.40 4.27
CA ASN A 846 -1.04 37.92 3.57
C ASN A 846 -0.96 37.30 2.17
N PHE A 847 0.01 37.79 1.38
CA PHE A 847 0.14 37.35 0.00
C PHE A 847 0.45 35.87 -0.10
N GLU A 848 1.35 35.37 0.74
CA GLU A 848 1.75 33.96 0.67
C GLU A 848 0.61 33.02 1.01
N ASP A 849 -0.43 33.51 1.69
CA ASP A 849 -1.56 32.67 2.04
C ASP A 849 -2.40 32.29 0.83
N PHE A 850 -2.21 32.95 -0.30
CA PHE A 850 -3.04 32.75 -1.48
C PHE A 850 -2.28 32.12 -2.64
N ILE A 851 -1.17 31.45 -2.36
CA ILE A 851 -0.35 30.86 -3.42
C ILE A 851 -1.06 29.63 -3.98
N GLN A 852 -1.21 29.57 -5.30
CA GLN A 852 -1.72 28.40 -5.99
C GLN A 852 -0.76 28.02 -7.10
N THR A 853 -0.52 26.72 -7.25
CA THR A 853 0.46 26.19 -8.17
C THR A 853 -0.24 25.59 -9.38
N ASP A 854 0.26 25.91 -10.57
CA ASP A 854 -0.27 25.39 -11.83
C ASP A 854 0.90 25.02 -12.74
N ALA A 855 0.60 24.83 -14.02
CA ALA A 855 1.61 24.56 -15.02
C ALA A 855 1.03 24.85 -16.40
N TRP A 856 1.91 25.24 -17.33
CA TRP A 856 1.52 25.33 -18.73
C TRP A 856 1.15 23.95 -19.26
N ARG A 857 -0.14 23.76 -19.54
CA ARG A 857 -0.70 22.45 -19.81
C ARG A 857 -1.41 22.44 -21.16
N PRO A 858 -0.69 22.38 -22.27
CA PRO A 858 -1.35 22.11 -23.55
C PRO A 858 -1.96 20.72 -23.62
N ASP A 859 -1.51 19.80 -22.77
CA ASP A 859 -2.02 18.44 -22.73
C ASP A 859 -3.31 18.35 -21.91
N LYS A 860 -3.25 18.79 -20.65
CA LYS A 860 -4.44 18.75 -19.80
C LYS A 860 -5.49 19.73 -20.27
N ASP A 861 -5.06 20.84 -20.91
CA ASP A 861 -5.90 21.78 -21.65
C ASP A 861 -7.27 21.98 -21.04
N ASN A 862 -7.31 22.20 -19.73
CA ASN A 862 -8.56 22.53 -19.04
C ASN A 862 -9.05 23.88 -19.54
N LYS A 863 -10.37 24.10 -19.50
CA LYS A 863 -10.93 25.35 -19.99
C LYS A 863 -10.37 26.54 -19.22
N ALA A 864 -10.25 26.41 -17.90
CA ALA A 864 -9.57 27.44 -17.11
C ALA A 864 -8.10 27.52 -17.51
N VAL A 865 -7.46 26.37 -17.70
CA VAL A 865 -6.06 26.36 -18.13
C VAL A 865 -5.93 26.94 -19.53
N GLN A 866 -6.91 26.67 -20.39
CA GLN A 866 -6.84 27.18 -21.76
C GLN A 866 -7.05 28.69 -21.81
N ILE A 867 -7.97 29.20 -20.99
CA ILE A 867 -8.17 30.65 -20.96
C ILE A 867 -6.98 31.33 -20.29
N PHE A 868 -6.31 30.63 -19.36
CA PHE A 868 -5.05 31.12 -18.84
C PHE A 868 -3.98 31.18 -19.93
N MET A 869 -3.91 30.15 -20.77
CA MET A 869 -3.07 30.16 -21.96
C MET A 869 -3.28 31.43 -22.76
N SER A 870 -4.53 31.64 -23.21
CA SER A 870 -4.84 32.75 -24.11
C SER A 870 -4.63 34.09 -23.42
N ARG A 871 -5.05 34.21 -22.16
CA ARG A 871 -4.77 35.39 -21.35
C ARG A 871 -3.31 35.75 -21.43
N MET A 872 -2.44 34.85 -20.98
CA MET A 872 -1.03 35.18 -20.84
C MET A 872 -0.42 35.52 -22.18
N HIS A 873 -0.78 34.75 -23.22
CA HIS A 873 -0.23 34.98 -24.54
C HIS A 873 -0.58 36.37 -25.05
N ALA A 874 -1.88 36.71 -25.01
CA ALA A 874 -2.30 38.03 -25.47
C ALA A 874 -1.66 39.13 -24.64
N ARG A 875 -1.50 38.89 -23.34
CA ARG A 875 -0.93 39.88 -22.45
C ARG A 875 0.52 40.16 -22.80
N ARG A 876 1.33 39.11 -23.04
CA ARG A 876 2.72 39.36 -23.35
C ARG A 876 2.84 39.98 -24.74
N GLU A 877 1.95 39.60 -25.66
CA GLU A 877 2.01 40.14 -27.01
C GLU A 877 1.69 41.63 -27.01
N GLN A 878 0.72 42.05 -26.20
CA GLN A 878 0.40 43.48 -26.14
C GLN A 878 1.41 44.24 -25.28
N LEU A 879 2.09 43.55 -24.37
CA LEU A 879 3.16 44.17 -23.60
C LEU A 879 4.40 44.39 -24.47
N LYS A 880 4.48 43.65 -25.59
CA LYS A 880 5.69 43.70 -26.42
C LYS A 880 5.90 45.08 -27.05
N LYS A 881 4.81 45.79 -27.34
CA LYS A 881 4.89 47.05 -28.06
C LYS A 881 5.70 48.09 -27.28
N HIS A 882 5.46 48.20 -25.98
CA HIS A 882 6.15 49.19 -25.18
C HIS A 882 7.33 48.63 -24.40
N GLY A 883 7.50 47.32 -24.35
CA GLY A 883 8.68 46.74 -23.73
C GLY A 883 8.40 45.89 -22.51
N ALA A 884 9.42 45.17 -22.05
CA ALA A 884 9.35 44.32 -20.86
C ALA A 884 8.23 43.30 -20.97
N ALA A 885 8.32 42.41 -21.96
CA ALA A 885 7.30 41.41 -22.20
C ALA A 885 7.82 39.98 -22.24
N ALA A 886 9.15 39.78 -22.26
CA ALA A 886 9.72 38.44 -22.31
C ALA A 886 10.84 38.21 -21.31
N SER A 887 11.17 39.21 -20.49
CA SER A 887 12.26 39.07 -19.52
C SER A 887 11.99 37.94 -18.54
N GLN A 888 10.94 38.09 -17.73
CA GLN A 888 10.51 37.02 -16.83
C GLN A 888 9.16 36.49 -17.31
N PHE A 889 8.77 36.89 -18.52
CA PHE A 889 7.40 36.70 -19.00
C PHE A 889 7.36 35.80 -20.22
N ALA A 890 8.42 35.01 -20.43
CA ALA A 890 8.47 34.12 -21.58
C ALA A 890 7.48 32.98 -21.43
N GLU A 891 7.37 32.16 -22.48
CA GLU A 891 6.43 31.04 -22.51
C GLU A 891 6.75 30.03 -21.42
N PRO A 892 5.76 29.65 -20.61
CA PRO A 892 5.95 28.62 -19.59
C PRO A 892 5.93 27.20 -20.12
N GLU A 893 6.12 26.99 -21.43
CA GLU A 893 5.82 25.72 -22.09
C GLU A 893 6.40 24.49 -21.38
N PRO A 894 7.56 24.55 -20.67
CA PRO A 894 7.94 23.37 -19.87
C PRO A 894 7.27 23.37 -18.50
N GLY A 895 5.97 23.62 -18.46
CA GLY A 895 5.21 23.54 -17.23
C GLY A 895 5.65 24.49 -16.14
N GLU A 896 5.98 25.73 -16.50
CA GLU A 896 6.35 26.72 -15.50
C GLU A 896 5.14 27.08 -14.65
N ARG A 897 5.34 27.17 -13.34
CA ARG A 897 4.25 27.38 -12.41
C ARG A 897 4.09 28.84 -12.00
N PHE A 898 5.21 29.50 -11.66
CA PHE A 898 5.28 30.86 -11.11
C PHE A 898 4.19 31.12 -10.07
N SER A 899 3.77 30.08 -9.35
CA SER A 899 2.88 30.18 -8.20
C SER A 899 1.76 31.20 -8.40
N TYR A 900 0.90 30.98 -9.39
CA TYR A 900 -0.05 32.00 -9.83
C TYR A 900 -0.99 32.40 -8.69
N VAL A 901 -1.35 33.68 -8.70
CA VAL A 901 -2.21 34.28 -7.68
C VAL A 901 -3.32 35.05 -8.37
N ILE A 902 -4.56 34.87 -7.90
CA ILE A 902 -5.72 35.54 -8.49
C ILE A 902 -5.76 36.97 -7.96
N VAL A 903 -5.38 37.93 -8.79
CA VAL A 903 -5.20 39.32 -8.36
C VAL A 903 -6.49 40.09 -8.62
N GLU A 904 -6.69 41.17 -7.86
CA GLU A 904 -7.86 42.01 -8.04
C GLU A 904 -7.80 42.79 -9.35
N LYS A 905 -8.63 42.40 -10.31
CA LYS A 905 -8.72 43.06 -11.59
C LYS A 905 -10.05 43.77 -11.70
N GLN A 906 -10.06 44.91 -12.38
CA GLN A 906 -11.26 45.73 -12.51
C GLN A 906 -12.35 44.96 -13.26
N VAL A 907 -13.46 44.72 -12.58
CA VAL A 907 -14.59 44.03 -13.20
C VAL A 907 -15.28 45.02 -14.14
N SER A 918 -16.51 37.05 -18.40
CA SER A 918 -16.53 35.74 -17.75
C SER A 918 -15.77 35.80 -16.42
N SER A 919 -16.17 34.90 -15.52
CA SER A 919 -15.51 34.75 -14.22
C SER A 919 -14.48 33.63 -14.22
N ARG A 920 -13.84 33.36 -15.35
CA ARG A 920 -12.90 32.27 -15.44
C ARG A 920 -11.67 32.52 -14.57
N LYS A 921 -11.06 31.41 -14.13
CA LYS A 921 -9.87 31.50 -13.30
C LYS A 921 -8.74 32.22 -14.04
N GLY A 922 -8.52 31.88 -15.31
CA GLY A 922 -7.42 32.48 -16.05
C GLY A 922 -7.57 33.96 -16.30
N ASP A 923 -8.79 34.49 -16.11
CA ASP A 923 -9.02 35.92 -16.33
C ASP A 923 -8.23 36.78 -15.36
N LYS A 924 -8.05 36.30 -14.13
CA LYS A 924 -7.40 37.09 -13.08
C LYS A 924 -6.04 36.52 -12.68
N MET A 925 -5.26 36.00 -13.61
CA MET A 925 -3.89 35.61 -13.34
C MET A 925 -3.06 36.82 -12.89
N GLU A 926 -2.00 36.54 -12.14
CA GLU A 926 -1.03 37.55 -11.79
C GLU A 926 0.35 36.94 -11.67
N TYR A 927 1.33 37.68 -12.15
CA TYR A 927 2.72 37.31 -11.95
C TYR A 927 3.15 37.70 -10.55
N VAL A 928 3.85 36.79 -9.87
CA VAL A 928 4.30 37.08 -8.52
C VAL A 928 5.27 38.25 -8.53
N SER A 929 6.12 38.34 -9.55
CA SER A 929 6.98 39.51 -9.69
C SER A 929 6.14 40.77 -9.84
N GLU A 930 5.12 40.73 -10.70
CA GLU A 930 4.24 41.88 -10.86
C GLU A 930 3.38 42.10 -9.62
N ALA A 931 2.95 41.02 -8.97
CA ALA A 931 2.14 41.15 -7.77
C ALA A 931 2.91 41.84 -6.66
N LYS A 932 4.20 41.51 -6.50
CA LYS A 932 5.02 42.17 -5.50
C LYS A 932 5.41 43.59 -5.93
N ALA A 933 5.60 43.79 -7.24
CA ALA A 933 6.02 45.10 -7.72
C ALA A 933 4.92 46.15 -7.52
N LYS A 934 3.68 45.80 -7.85
CA LYS A 934 2.58 46.75 -7.77
C LYS A 934 1.74 46.60 -6.51
N ASN A 935 1.73 45.41 -5.90
CA ASN A 935 1.00 45.14 -4.66
C ASN A 935 -0.50 45.37 -4.83
N LEU A 936 -1.03 44.92 -5.96
CA LEU A 936 -2.47 44.91 -6.14
C LEU A 936 -3.11 43.91 -5.17
N PRO A 937 -4.31 44.18 -4.66
CA PRO A 937 -4.99 43.21 -3.82
C PRO A 937 -5.35 41.94 -4.58
N ILE A 938 -5.55 40.87 -3.81
CA ILE A 938 -5.87 39.56 -4.36
C ILE A 938 -7.38 39.40 -4.43
N ASP A 939 -7.87 38.72 -5.46
CA ASP A 939 -9.28 38.35 -5.50
C ASP A 939 -9.56 37.28 -4.46
N ILE A 940 -9.70 37.70 -3.20
CA ILE A 940 -10.07 36.76 -2.16
C ILE A 940 -11.45 36.17 -2.40
N LEU A 941 -12.42 36.99 -2.80
CA LEU A 941 -13.77 36.49 -2.98
C LEU A 941 -13.81 35.29 -3.91
N PHE A 942 -12.93 35.28 -4.91
CA PHE A 942 -12.80 34.09 -5.76
C PHE A 942 -12.40 32.87 -4.92
N TYR A 943 -11.37 33.01 -4.09
CA TYR A 943 -10.95 31.88 -3.27
C TYR A 943 -12.06 31.44 -2.32
N ILE A 944 -12.75 32.38 -1.67
CA ILE A 944 -13.83 31.96 -0.80
C ILE A 944 -14.89 31.23 -1.59
N ASN A 945 -15.56 31.91 -2.52
CA ASN A 945 -16.76 31.34 -3.13
C ASN A 945 -16.45 30.35 -4.24
N ASN A 946 -15.20 29.94 -4.43
CA ASN A 946 -14.93 28.86 -5.36
C ASN A 946 -13.95 27.80 -4.86
N TYR A 947 -13.27 28.00 -3.74
CA TYR A 947 -12.27 27.01 -3.36
C TYR A 947 -12.40 26.58 -1.90
N VAL A 948 -12.91 27.45 -1.03
CA VAL A 948 -13.09 27.08 0.37
C VAL A 948 -14.56 26.81 0.72
N LEU A 949 -15.50 27.11 -0.17
CA LEU A 949 -16.85 26.58 0.01
C LEU A 949 -16.83 25.05 0.01
N GLY A 950 -16.02 24.44 -0.85
CA GLY A 950 -15.82 23.01 -0.78
C GLY A 950 -15.28 22.54 0.55
N LEU A 951 -14.54 23.40 1.26
CA LEU A 951 -14.05 23.04 2.59
C LEU A 951 -15.18 22.94 3.59
N CYS A 952 -15.90 24.03 3.82
CA CYS A 952 -17.01 24.03 4.77
C CYS A 952 -18.21 23.24 4.28
N ALA A 953 -18.10 22.58 3.13
CA ALA A 953 -19.23 21.84 2.57
C ALA A 953 -19.67 20.73 3.50
N ARG A 954 -18.71 20.01 4.09
CA ARG A 954 -19.05 18.87 4.93
C ARG A 954 -19.68 19.29 6.24
N PHE A 955 -19.56 20.57 6.62
CA PHE A 955 -20.08 21.05 7.89
C PHE A 955 -21.51 21.55 7.80
N ILE A 956 -22.08 21.64 6.60
CA ILE A 956 -23.37 22.29 6.42
C ILE A 956 -24.42 21.27 5.99
N ASN A 957 -24.02 20.32 5.15
CA ASN A 957 -24.99 19.38 4.57
C ASN A 957 -25.64 18.50 5.61
N GLU A 958 -25.08 18.43 6.82
CA GLU A 958 -25.69 17.68 7.91
C GLU A 958 -26.88 18.40 8.52
N ASN A 959 -27.09 19.68 8.22
CA ASN A 959 -28.17 20.43 8.83
C ASN A 959 -29.52 19.95 8.29
N GLU A 960 -30.52 19.98 9.16
CA GLU A 960 -31.79 19.31 8.86
C GLU A 960 -32.52 19.96 7.69
N GLU A 961 -32.58 21.28 7.64
CA GLU A 961 -33.30 21.93 6.55
C GLU A 961 -32.52 21.90 5.25
N PHE A 962 -31.23 21.60 5.30
CA PHE A 962 -30.44 21.40 4.09
C PHE A 962 -30.57 20.00 3.53
N GLN A 963 -31.28 19.11 4.22
CA GLN A 963 -31.57 17.79 3.67
C GLN A 963 -32.62 17.91 2.59
N PRO A 964 -32.38 17.40 1.39
CA PRO A 964 -33.34 17.56 0.30
C PRO A 964 -34.56 16.67 0.52
N PRO A 965 -35.68 16.99 -0.12
CA PRO A 965 -36.87 16.12 -0.02
C PRO A 965 -36.60 14.76 -0.64
N ASP A 966 -37.43 13.79 -0.24
CA ASP A 966 -37.22 12.40 -0.65
C ASP A 966 -37.38 12.20 -2.15
N ASN A 967 -38.03 13.13 -2.85
CA ASN A 967 -38.23 12.99 -4.29
C ASN A 967 -36.94 13.12 -5.09
N VAL A 968 -35.87 13.63 -4.48
CA VAL A 968 -34.60 13.81 -5.18
C VAL A 968 -33.79 12.52 -5.08
N SER A 969 -33.42 11.96 -6.24
CA SER A 969 -32.62 10.75 -6.25
C SER A 969 -31.19 11.04 -5.78
N ASN A 970 -30.60 12.13 -6.28
CA ASN A 970 -29.25 12.53 -5.89
C ASN A 970 -29.37 13.47 -4.70
N LYS A 971 -29.66 12.88 -3.53
CA LYS A 971 -29.90 13.66 -2.33
C LYS A 971 -28.65 14.43 -1.91
N ASP A 972 -27.51 13.75 -1.81
CA ASP A 972 -26.31 14.38 -1.29
C ASP A 972 -25.84 15.52 -2.18
N GLU A 973 -25.91 15.33 -3.51
CA GLU A 973 -25.44 16.37 -4.41
C GLU A 973 -26.32 17.61 -4.35
N TYR A 974 -27.64 17.44 -4.29
CA TYR A 974 -28.52 18.59 -4.20
C TYR A 974 -28.37 19.30 -2.87
N ALA A 975 -28.25 18.53 -1.78
CA ALA A 975 -28.00 19.16 -0.48
C ALA A 975 -26.71 19.95 -0.50
N GLN A 976 -25.66 19.38 -1.09
CA GLN A 976 -24.39 20.09 -1.23
C GLN A 976 -24.56 21.38 -2.01
N ARG A 977 -25.18 21.30 -3.19
CA ARG A 977 -25.26 22.46 -4.06
C ARG A 977 -26.07 23.57 -3.41
N ARG A 978 -27.18 23.22 -2.73
CA ARG A 978 -28.01 24.29 -2.19
C ARG A 978 -27.48 24.81 -0.86
N ALA A 979 -26.77 23.99 -0.08
CA ALA A 979 -26.06 24.54 1.07
C ALA A 979 -24.96 25.49 0.64
N LYS A 980 -24.21 25.12 -0.41
CA LYS A 980 -23.20 26.02 -0.94
C LYS A 980 -23.81 27.29 -1.50
N SER A 981 -24.95 27.19 -2.16
CA SER A 981 -25.64 28.38 -2.64
C SER A 981 -26.05 29.28 -1.49
N TYR A 982 -26.60 28.68 -0.43
CA TYR A 982 -26.95 29.45 0.77
C TYR A 982 -25.75 30.19 1.31
N LEU A 983 -24.62 29.49 1.48
CA LEU A 983 -23.48 30.13 2.12
C LEU A 983 -22.83 31.17 1.21
N GLN A 984 -22.82 30.92 -0.10
CA GLN A 984 -22.23 31.90 -1.00
C GLN A 984 -23.09 33.16 -1.09
N LYS A 985 -24.42 33.00 -1.10
CA LYS A 985 -25.28 34.18 -1.02
C LYS A 985 -25.08 34.91 0.29
N PHE A 986 -24.90 34.16 1.39
CA PHE A 986 -24.57 34.78 2.66
C PHE A 986 -23.31 35.62 2.57
N VAL A 987 -22.23 35.06 2.01
CA VAL A 987 -20.95 35.76 2.01
C VAL A 987 -20.90 36.90 1.00
N GLN A 988 -21.72 36.85 -0.05
CA GLN A 988 -21.77 37.96 -0.99
C GLN A 988 -22.90 38.94 -0.71
N SER A 989 -23.70 38.69 0.32
CA SER A 989 -24.75 39.61 0.71
C SER A 989 -24.44 40.34 2.01
N ILE A 990 -23.82 39.67 2.98
CA ILE A 990 -23.43 40.34 4.22
C ILE A 990 -22.15 41.15 4.08
N HIS A 991 -21.47 41.06 2.94
CA HIS A 991 -20.18 41.68 2.74
C HIS A 991 -20.22 42.54 1.48
N PRO A 992 -20.88 43.69 1.54
CA PRO A 992 -20.85 44.61 0.40
C PRO A 992 -19.57 45.42 0.38
N LYS A 993 -19.12 45.75 -0.83
CA LYS A 993 -17.92 46.54 -1.01
C LYS A 993 -18.01 47.45 -2.23
#